data_3RIZ
#
_entry.id   3RIZ
#
_cell.length_a   175.093
_cell.length_b   67.251
_cell.length_c   119.050
_cell.angle_alpha   90.00
_cell.angle_beta   121.55
_cell.angle_gamma   90.00
#
_symmetry.space_group_name_H-M   'C 1 2 1'
#
loop_
_entity.id
_entity.type
_entity.pdbx_description
1 polymer 'Protein BRASSINOSTEROID INSENSITIVE 1'
2 branched alpha-D-mannopyranose-(1-3)-beta-D-mannopyranose-(1-4)-2-acetamido-2-deoxy-beta-D-glucopyranose-(1-4)-2-acetamido-2-deoxy-beta-D-glucopyranose
3 branched 2-acetamido-2-deoxy-beta-D-glucopyranose-(1-4)-2-acetamido-2-deoxy-beta-D-glucopyranose
4 non-polymer 2-acetamido-2-deoxy-beta-D-glucopyranose
5 water water
#
_entity_poly.entity_id   1
_entity_poly.type   'polypeptide(L)'
_entity_poly.pdbx_seq_one_letter_code
;AMGSQSLYREIHQLISFKDVLPDKNLLPDWSSNKNPCTFDGVTCRDDKVTSIDLSSKPLNVGFSAVSSSLLSLTGLESLF
LSNSHINGSVSGFKCSASLTSLDLSRNSLSGPVTTLTSLGSCSGLKFLNVSSNTLDFPGKVSGGLKLNSLEVLDLSANSI
SGANVVGWVLSDGCGELKHLAISGNKISGDVDVSRCVNLEFLDVSSNNFSTGIPFLGDCSALQHLDISGNKLSGDFSRAI
STCTELKLLNISSNQFVGPIPPLPLKSLQYLSLAENKFTGEIPDFLSGACDTLTGLDLSGNHFYGAVPPFFGSCSLLESL
ALSSNNFSGELPMDTLLKMRGLKVLDLSFNEFSGELPESLTNLSASLLTLDLSSNNFSGPILPNLCQNPKNTLQELYLQN
NGFTGKIPPTLSNCSELVSLHLSFNYLSGTIPSSLGSLSKLRDLKLWLNMLEGEIPQELMYVKTLETLILDFNDLTGEIP
SGLSNCTNLNWISLSNNRLTGEIPKWIGRLENLAILKLSNNSFSGNIPAELGDCRSLIWLDLNTNLFNGTIPAAMFKQSG
KIAANFIAGKRYVYIKNDGMKKECHGAGNLLEFQGIRSEQLNRLSTRNPCNITSRVYGGHTSPTFDNNGSMMFLDMSYNM
LSGYIPKEIGSMPYLFILNLGHNDISGSIPDEVGDLRGLNILDLSSNKLDGRIPQAMSALTMLTEIDLSNNNLSGPIPEM
GQFETFPPAKFLNNPGLCGYPLPRCDPSNADGYAHHQRSHGRRLENLYFQGA
;
_entity_poly.pdbx_strand_id   A
#
# COMPACT_ATOMS: atom_id res chain seq x y z
N SER A 4 34.28 -12.50 42.09
CA SER A 4 33.02 -12.77 42.77
C SER A 4 32.30 -13.98 42.16
N GLN A 5 31.18 -14.35 42.78
CA GLN A 5 30.35 -15.45 42.30
C GLN A 5 29.42 -14.99 41.18
N SER A 6 28.91 -13.76 41.31
CA SER A 6 28.03 -13.20 40.29
C SER A 6 28.74 -13.12 38.94
N LEU A 7 30.05 -12.86 38.96
CA LEU A 7 30.85 -12.86 37.73
C LEU A 7 30.95 -14.27 37.13
N TYR A 8 31.28 -15.22 37.99
CA TYR A 8 31.29 -16.64 37.62
C TYR A 8 29.91 -17.06 37.10
N ARG A 9 28.86 -16.60 37.78
CA ARG A 9 27.51 -16.96 37.40
C ARG A 9 27.03 -16.24 36.14
N GLU A 10 27.46 -15.00 35.98
CA GLU A 10 27.10 -14.21 34.80
C GLU A 10 27.53 -14.93 33.53
N ILE A 11 28.80 -15.31 33.47
CA ILE A 11 29.36 -15.96 32.29
C ILE A 11 28.75 -17.35 32.00
N HIS A 12 28.52 -18.15 33.04
CA HIS A 12 27.87 -19.45 32.85
C HIS A 12 26.40 -19.35 32.41
N GLN A 13 25.69 -18.35 32.91
CA GLN A 13 24.31 -18.12 32.49
C GLN A 13 24.21 -17.67 31.02
N LEU A 14 25.10 -16.76 30.61
CA LEU A 14 25.11 -16.27 29.24
C LEU A 14 25.43 -17.39 28.25
N ILE A 15 26.43 -18.21 28.57
CA ILE A 15 26.82 -19.29 27.68
C ILE A 15 25.81 -20.43 27.63
N SER A 16 25.14 -20.70 28.74
CA SER A 16 24.10 -21.74 28.71
C SER A 16 23.03 -21.30 27.70
N PHE A 17 22.65 -20.02 27.77
CA PHE A 17 21.74 -19.45 26.80
C PHE A 17 22.22 -19.61 25.37
N LYS A 18 23.45 -19.16 25.09
CA LYS A 18 24.00 -19.35 23.75
C LYS A 18 23.89 -20.80 23.29
N ASP A 19 24.13 -21.74 24.21
CA ASP A 19 24.14 -23.16 23.87
C ASP A 19 22.77 -23.75 23.51
N VAL A 20 21.68 -23.12 23.93
CA VAL A 20 20.33 -23.63 23.66
CA VAL A 20 20.34 -23.65 23.64
C VAL A 20 19.79 -23.13 22.31
N LEU A 21 20.52 -22.19 21.70
CA LEU A 21 20.14 -21.65 20.39
C LEU A 21 20.33 -22.65 19.25
N PRO A 22 19.28 -22.89 18.47
CA PRO A 22 19.36 -23.87 17.38
C PRO A 22 20.45 -23.52 16.38
N ASP A 23 20.65 -22.22 16.16
CA ASP A 23 21.78 -21.75 15.35
C ASP A 23 22.79 -21.07 16.27
N LYS A 24 23.71 -21.84 16.84
CA LYS A 24 24.68 -21.30 17.80
C LYS A 24 25.59 -20.25 17.14
N ASN A 25 25.79 -20.38 15.83
CA ASN A 25 26.59 -19.43 15.07
C ASN A 25 26.08 -17.98 15.17
N LEU A 26 25.06 -17.77 16.02
CA LEU A 26 24.41 -16.46 16.15
C LEU A 26 25.15 -15.52 17.10
N LEU A 27 25.84 -16.11 18.08
CA LEU A 27 26.59 -15.33 19.05
C LEU A 27 28.02 -15.83 19.05
N PRO A 28 28.70 -15.69 17.91
CA PRO A 28 30.01 -16.28 17.67
C PRO A 28 31.10 -15.75 18.59
N ASP A 29 30.95 -14.53 19.10
CA ASP A 29 31.98 -13.98 20.00
C ASP A 29 31.69 -14.17 21.48
N TRP A 30 30.49 -14.65 21.79
CA TRP A 30 30.19 -15.08 23.15
C TRP A 30 30.94 -16.39 23.39
N SER A 31 31.76 -16.45 24.42
CA SER A 31 32.43 -17.71 24.70
C SER A 31 32.91 -17.83 26.15
N SER A 32 32.98 -19.07 26.63
CA SER A 32 33.44 -19.37 27.98
C SER A 32 34.84 -18.80 28.19
N ASN A 33 35.15 -18.46 29.44
CA ASN A 33 36.47 -17.95 29.77
C ASN A 33 36.86 -16.65 29.04
N LYS A 34 35.84 -15.86 28.72
CA LYS A 34 36.03 -14.53 28.14
C LYS A 34 35.10 -13.59 28.91
N ASN A 35 35.47 -12.32 29.03
CA ASN A 35 34.65 -11.33 29.76
C ASN A 35 33.42 -10.90 28.95
N PRO A 36 32.20 -11.12 29.50
CA PRO A 36 30.93 -10.77 28.84
C PRO A 36 30.86 -9.32 28.38
N CYS A 37 31.58 -8.44 29.08
CA CYS A 37 31.61 -7.02 28.70
C CYS A 37 32.22 -6.76 27.32
N THR A 38 32.78 -7.78 26.69
CA THR A 38 33.33 -7.65 25.34
C THR A 38 32.41 -8.30 24.31
N PHE A 39 31.25 -8.78 24.76
CA PHE A 39 30.33 -9.52 23.88
C PHE A 39 29.43 -8.58 23.08
N ASP A 40 29.26 -8.91 21.82
CA ASP A 40 28.32 -8.20 20.97
C ASP A 40 26.92 -8.47 21.52
N GLY A 41 26.16 -7.40 21.74
CA GLY A 41 24.84 -7.49 22.31
C GLY A 41 24.81 -6.99 23.74
N VAL A 42 25.98 -6.94 24.37
CA VAL A 42 26.08 -6.63 25.80
C VAL A 42 26.49 -5.19 26.05
N THR A 43 25.84 -4.58 27.05
CA THR A 43 26.27 -3.29 27.55
C THR A 43 26.82 -3.49 28.95
N CYS A 44 27.96 -2.87 29.23
CA CYS A 44 28.55 -2.92 30.55
C CYS A 44 28.82 -1.54 31.13
N ARG A 45 28.77 -1.46 32.45
CA ARG A 45 29.22 -0.29 33.19
CA ARG A 45 29.28 -0.29 33.16
C ARG A 45 30.10 -0.73 34.36
N ASP A 46 31.34 -0.24 34.41
CA ASP A 46 32.29 -0.64 35.46
C ASP A 46 32.52 -2.15 35.47
N ASP A 47 32.59 -2.74 34.28
CA ASP A 47 32.92 -4.14 34.14
C ASP A 47 31.79 -5.05 34.60
N LYS A 48 30.59 -4.51 34.70
CA LYS A 48 29.42 -5.34 35.03
C LYS A 48 28.34 -5.19 33.98
N VAL A 49 27.67 -6.30 33.67
CA VAL A 49 26.63 -6.31 32.66
C VAL A 49 25.35 -5.61 33.12
N THR A 50 24.88 -4.65 32.33
CA THR A 50 23.69 -3.88 32.71
C THR A 50 22.58 -4.00 31.69
N SER A 51 22.90 -4.49 30.50
CA SER A 51 21.92 -4.55 29.44
C SER A 51 22.27 -5.57 28.39
N ILE A 52 21.25 -6.17 27.80
CA ILE A 52 21.44 -7.10 26.69
C ILE A 52 20.44 -6.79 25.61
N ASP A 53 20.93 -6.77 24.37
CA ASP A 53 20.11 -6.43 23.24
C ASP A 53 20.38 -7.44 22.13
N LEU A 54 19.51 -8.44 22.03
CA LEU A 54 19.64 -9.46 21.00
C LEU A 54 18.49 -9.35 19.98
N SER A 55 17.99 -8.12 19.82
CA SER A 55 16.90 -7.79 18.92
C SER A 55 17.21 -8.07 17.46
N SER A 56 16.19 -8.45 16.69
CA SER A 56 16.36 -8.72 15.27
C SER A 56 17.38 -9.81 14.96
N LYS A 57 17.66 -10.64 15.96
CA LYS A 57 18.40 -11.86 15.75
C LYS A 57 17.42 -13.02 15.92
N PRO A 58 17.45 -13.99 15.00
CA PRO A 58 16.52 -15.12 15.04
C PRO A 58 16.93 -16.19 16.03
N LEU A 59 16.77 -15.92 17.32
CA LEU A 59 17.23 -16.84 18.35
C LEU A 59 16.47 -18.16 18.29
N ASN A 60 15.22 -18.07 17.85
CA ASN A 60 14.36 -19.24 17.71
C ASN A 60 14.38 -20.12 18.93
N VAL A 61 14.14 -19.51 20.08
CA VAL A 61 14.01 -20.25 21.33
C VAL A 61 12.78 -19.79 22.10
N GLY A 62 12.45 -20.52 23.17
CA GLY A 62 11.25 -20.25 23.94
C GLY A 62 11.51 -19.34 25.11
N PHE A 63 10.46 -18.67 25.58
CA PHE A 63 10.58 -17.73 26.69
C PHE A 63 11.31 -18.31 27.90
N SER A 64 11.04 -19.57 28.22
CA SER A 64 11.65 -20.22 29.38
C SER A 64 13.18 -20.19 29.37
N ALA A 65 13.77 -20.36 28.19
CA ALA A 65 15.20 -20.19 28.03
C ALA A 65 15.61 -18.76 28.38
N VAL A 66 14.80 -17.78 27.94
CA VAL A 66 15.04 -16.38 28.26
C VAL A 66 14.94 -16.12 29.77
N SER A 67 13.86 -16.56 30.41
CA SER A 67 13.64 -16.25 31.82
C SER A 67 14.63 -16.98 32.74
N SER A 68 15.06 -18.16 32.30
CA SER A 68 15.98 -18.96 33.11
C SER A 68 17.41 -18.45 33.00
N SER A 69 17.86 -18.18 31.78
CA SER A 69 19.24 -17.76 31.56
C SER A 69 19.48 -16.25 31.71
N LEU A 70 18.62 -15.45 31.09
CA LEU A 70 18.85 -14.01 31.02
C LEU A 70 18.18 -13.16 32.14
N LEU A 71 16.90 -13.41 32.41
CA LEU A 71 16.16 -12.53 33.33
C LEU A 71 16.59 -12.62 34.80
N SER A 72 17.38 -13.63 35.12
CA SER A 72 17.81 -13.86 36.49
C SER A 72 19.22 -13.34 36.74
N LEU A 73 19.86 -12.81 35.70
CA LEU A 73 21.18 -12.19 35.82
C LEU A 73 21.20 -11.06 36.84
N THR A 74 22.09 -11.18 37.82
CA THR A 74 22.27 -10.11 38.79
C THR A 74 22.64 -8.81 38.09
N GLY A 75 21.95 -7.74 38.45
CA GLY A 75 22.33 -6.41 38.00
C GLY A 75 21.84 -6.01 36.62
N LEU A 76 21.31 -6.95 35.85
CA LEU A 76 20.72 -6.62 34.54
C LEU A 76 19.59 -5.59 34.68
N GLU A 77 19.72 -4.48 33.97
CA GLU A 77 18.77 -3.37 34.08
C GLU A 77 17.76 -3.36 32.92
N SER A 78 18.16 -3.86 31.76
CA SER A 78 17.23 -3.92 30.64
C SER A 78 17.54 -5.07 29.68
N LEU A 79 16.48 -5.66 29.13
CA LEU A 79 16.61 -6.74 28.17
C LEU A 79 15.79 -6.38 26.95
N PHE A 80 16.46 -6.23 25.82
CA PHE A 80 15.81 -5.92 24.54
C PHE A 80 15.85 -7.14 23.62
N LEU A 81 14.67 -7.65 23.31
CA LEU A 81 14.53 -8.89 22.56
C LEU A 81 13.39 -8.76 21.55
N SER A 82 13.31 -7.61 20.90
CA SER A 82 12.29 -7.43 19.90
C SER A 82 12.68 -8.18 18.64
N ASN A 83 11.71 -8.84 18.03
CA ASN A 83 11.92 -9.45 16.74
C ASN A 83 13.03 -10.49 16.79
N SER A 84 12.92 -11.38 17.77
CA SER A 84 13.98 -12.29 18.14
C SER A 84 13.51 -13.74 18.05
N HIS A 85 12.41 -13.96 17.35
CA HIS A 85 11.81 -15.28 17.23
C HIS A 85 11.81 -16.03 18.55
N ILE A 86 11.25 -15.39 19.57
CA ILE A 86 10.98 -16.04 20.83
C ILE A 86 9.52 -16.49 20.84
N ASN A 87 9.27 -17.74 21.21
CA ASN A 87 7.90 -18.22 21.26
C ASN A 87 7.54 -18.80 22.63
N GLY A 88 6.41 -19.48 22.71
CA GLY A 88 5.94 -20.01 23.98
C GLY A 88 5.27 -18.92 24.79
N SER A 89 5.11 -19.14 26.09
CA SER A 89 4.46 -18.13 26.90
C SER A 89 5.20 -17.85 28.20
N VAL A 90 4.87 -16.71 28.79
CA VAL A 90 5.39 -16.27 30.07
C VAL A 90 4.83 -17.15 31.21
N SER A 91 5.65 -17.38 32.23
CA SER A 91 5.24 -18.07 33.44
C SER A 91 6.21 -17.71 34.57
N GLY A 92 5.98 -18.28 35.74
CA GLY A 92 6.73 -17.90 36.92
C GLY A 92 8.22 -18.15 36.82
N PHE A 93 9.02 -17.19 37.29
CA PHE A 93 10.47 -17.33 37.30
C PHE A 93 11.11 -16.41 38.33
N LYS A 94 12.38 -16.63 38.63
CA LYS A 94 13.16 -15.72 39.47
C LYS A 94 13.62 -14.56 38.60
N CYS A 95 13.47 -13.35 39.10
CA CYS A 95 13.73 -12.15 38.31
C CYS A 95 14.56 -11.15 39.10
N SER A 96 15.64 -10.64 38.54
CA SER A 96 16.48 -9.69 39.26
C SER A 96 15.73 -8.38 39.58
N ALA A 97 16.01 -7.81 40.75
CA ALA A 97 15.28 -6.64 41.24
C ALA A 97 15.70 -5.36 40.53
N SER A 98 16.75 -5.45 39.73
CA SER A 98 17.28 -4.28 39.05
C SER A 98 16.70 -4.16 37.65
N LEU A 99 16.03 -5.21 37.19
CA LEU A 99 15.45 -5.21 35.85
C LEU A 99 14.37 -4.13 35.74
N THR A 100 14.62 -3.17 34.86
CA THR A 100 13.80 -1.98 34.70
C THR A 100 12.96 -2.01 33.40
N SER A 101 13.53 -2.55 32.33
CA SER A 101 12.83 -2.58 31.05
C SER A 101 12.91 -3.95 30.40
N LEU A 102 11.76 -4.41 29.94
CA LEU A 102 11.67 -5.64 29.17
C LEU A 102 10.98 -5.39 27.83
N ASP A 103 11.68 -5.64 26.73
CA ASP A 103 11.06 -5.49 25.43
C ASP A 103 10.97 -6.84 24.73
N LEU A 104 9.76 -7.38 24.62
CA LEU A 104 9.53 -8.63 23.95
C LEU A 104 8.61 -8.49 22.75
N SER A 105 8.60 -7.28 22.17
CA SER A 105 7.73 -6.99 21.04
C SER A 105 8.10 -7.80 19.80
N ARG A 106 7.13 -7.99 18.92
CA ARG A 106 7.34 -8.66 17.64
C ARG A 106 7.92 -10.06 17.79
N ASN A 107 7.30 -10.87 18.64
CA ASN A 107 7.70 -12.24 18.81
C ASN A 107 6.51 -13.15 18.57
N SER A 108 6.55 -14.36 19.15
CA SER A 108 5.44 -15.29 19.01
C SER A 108 4.98 -15.79 20.37
N LEU A 109 5.06 -14.92 21.36
CA LEU A 109 4.49 -15.25 22.66
C LEU A 109 2.99 -15.53 22.50
N SER A 110 2.51 -16.59 23.15
CA SER A 110 1.11 -16.99 23.03
C SER A 110 0.53 -17.29 24.40
N GLY A 111 -0.78 -17.52 24.45
CA GLY A 111 -1.44 -17.80 25.71
C GLY A 111 -2.24 -16.63 26.23
N PRO A 112 -3.01 -16.84 27.30
CA PRO A 112 -3.84 -15.77 27.84
C PRO A 112 -2.96 -14.66 28.36
N VAL A 113 -3.41 -13.42 28.19
CA VAL A 113 -2.68 -12.25 28.64
C VAL A 113 -2.47 -12.25 30.17
N THR A 114 -3.23 -13.06 30.88
CA THR A 114 -3.03 -13.26 32.30
C THR A 114 -1.65 -13.87 32.64
N THR A 115 -1.00 -14.50 31.66
CA THR A 115 0.37 -14.97 31.86
C THR A 115 1.31 -13.83 32.24
N LEU A 116 1.00 -12.62 31.77
CA LEU A 116 1.86 -11.48 32.05
C LEU A 116 1.91 -11.14 33.55
N THR A 117 0.89 -11.55 34.30
CA THR A 117 0.89 -11.27 35.73
C THR A 117 2.09 -11.89 36.43
N SER A 118 2.63 -12.97 35.87
CA SER A 118 3.78 -13.62 36.51
C SER A 118 5.10 -12.82 36.39
N LEU A 119 5.04 -11.66 35.74
CA LEU A 119 6.20 -10.76 35.68
C LEU A 119 6.24 -9.84 36.91
N GLY A 120 5.35 -10.09 37.86
CA GLY A 120 5.39 -9.38 39.13
C GLY A 120 6.67 -9.73 39.90
N SER A 121 7.26 -10.87 39.55
CA SER A 121 8.58 -11.26 40.08
C SER A 121 9.56 -10.11 39.95
N CYS A 122 9.44 -9.38 38.85
CA CYS A 122 10.34 -8.27 38.55
C CYS A 122 9.83 -7.02 39.25
N SER A 123 10.28 -6.82 40.48
CA SER A 123 9.78 -5.75 41.34
C SER A 123 10.23 -4.36 40.90
N GLY A 124 11.23 -4.28 40.04
CA GLY A 124 11.71 -3.00 39.57
C GLY A 124 11.27 -2.70 38.14
N LEU A 125 10.46 -3.60 37.58
CA LEU A 125 9.98 -3.44 36.20
C LEU A 125 9.10 -2.21 36.07
N LYS A 126 9.51 -1.29 35.19
CA LYS A 126 8.78 -0.05 34.96
C LYS A 126 8.31 0.11 33.51
N PHE A 127 8.95 -0.60 32.59
CA PHE A 127 8.68 -0.47 31.16
CA PHE A 127 8.69 -0.46 31.17
C PHE A 127 8.51 -1.84 30.54
N LEU A 128 7.31 -2.11 30.02
CA LEU A 128 7.04 -3.41 29.41
C LEU A 128 6.42 -3.26 28.03
N ASN A 129 7.08 -3.83 27.02
CA ASN A 129 6.58 -3.87 25.65
C ASN A 129 6.36 -5.32 25.23
N VAL A 130 5.11 -5.73 25.04
CA VAL A 130 4.86 -7.05 24.47
C VAL A 130 4.00 -6.94 23.22
N SER A 131 4.19 -5.86 22.48
CA SER A 131 3.38 -5.61 21.31
C SER A 131 3.76 -6.57 20.20
N SER A 132 2.82 -6.82 19.29
CA SER A 132 3.06 -7.71 18.16
C SER A 132 3.40 -9.13 18.64
N ASN A 133 2.47 -9.71 19.39
CA ASN A 133 2.50 -11.12 19.68
C ASN A 133 1.12 -11.70 19.42
N THR A 134 0.80 -12.80 20.10
CA THR A 134 -0.49 -13.45 19.94
C THR A 134 -1.11 -13.76 21.29
N LEU A 135 -0.79 -12.94 22.28
CA LEU A 135 -1.48 -13.01 23.56
C LEU A 135 -2.96 -12.74 23.32
N ASP A 136 -3.81 -13.53 23.98
CA ASP A 136 -5.25 -13.34 23.88
C ASP A 136 -5.92 -13.26 25.25
N PHE A 137 -7.25 -13.20 25.26
CA PHE A 137 -7.99 -13.22 26.52
C PHE A 137 -9.21 -14.13 26.41
N PRO A 138 -9.03 -15.42 26.71
CA PRO A 138 -10.09 -16.40 26.54
C PRO A 138 -11.27 -16.14 27.49
N GLY A 139 -12.44 -15.92 26.90
CA GLY A 139 -13.66 -15.82 27.67
C GLY A 139 -13.75 -14.75 28.74
N LYS A 140 -14.03 -15.19 29.97
CA LYS A 140 -14.41 -14.29 31.06
C LYS A 140 -13.28 -13.38 31.53
N VAL A 141 -13.52 -12.08 31.49
CA VAL A 141 -12.52 -11.10 31.90
C VAL A 141 -12.62 -10.76 33.40
N SER A 142 -11.93 -11.54 34.24
CA SER A 142 -11.96 -11.37 35.68
C SER A 142 -10.57 -11.13 36.28
N GLY A 143 -10.53 -10.56 37.47
CA GLY A 143 -9.27 -10.33 38.17
C GLY A 143 -8.55 -9.06 37.73
N GLY A 144 -7.22 -9.15 37.64
CA GLY A 144 -6.43 -8.02 37.23
C GLY A 144 -5.06 -8.40 36.70
N LEU A 145 -4.42 -7.48 35.98
CA LEU A 145 -3.10 -7.73 35.43
C LEU A 145 -2.05 -7.70 36.54
N LYS A 146 -2.29 -6.88 37.57
CA LYS A 146 -1.45 -6.82 38.76
C LYS A 146 0.00 -6.40 38.47
N LEU A 147 0.15 -5.36 37.67
CA LEU A 147 1.47 -4.77 37.40
C LEU A 147 1.36 -3.25 37.53
N ASN A 148 0.87 -2.81 38.69
CA ASN A 148 0.66 -1.38 38.99
C ASN A 148 1.94 -0.58 39.23
N SER A 149 3.10 -1.21 39.01
CA SER A 149 4.37 -0.51 39.13
C SER A 149 4.84 0.03 37.78
N LEU A 150 4.18 -0.42 36.72
CA LEU A 150 4.52 0.00 35.36
C LEU A 150 4.32 1.49 35.09
N GLU A 151 5.31 2.08 34.42
CA GLU A 151 5.19 3.43 33.88
C GLU A 151 4.75 3.37 32.42
N VAL A 152 5.13 2.29 31.74
CA VAL A 152 4.87 2.13 30.32
C VAL A 152 4.46 0.70 30.01
N LEU A 153 3.30 0.53 29.38
CA LEU A 153 2.83 -0.78 29.01
C LEU A 153 2.32 -0.73 27.58
N ASP A 154 2.83 -1.62 26.74
CA ASP A 154 2.38 -1.68 25.36
C ASP A 154 1.91 -3.11 25.06
N LEU A 155 0.61 -3.25 24.77
CA LEU A 155 0.00 -4.54 24.47
C LEU A 155 -0.57 -4.59 23.08
N SER A 156 -0.20 -3.62 22.26
CA SER A 156 -0.74 -3.51 20.90
C SER A 156 -0.45 -4.70 20.00
N ALA A 157 -1.25 -4.83 18.94
CA ALA A 157 -1.02 -5.82 17.89
C ALA A 157 -0.92 -7.20 18.50
N ASN A 158 -1.85 -7.50 19.40
CA ASN A 158 -2.00 -8.86 19.88
C ASN A 158 -3.30 -9.46 19.42
N SER A 159 -3.73 -10.54 20.07
CA SER A 159 -4.97 -11.20 19.68
C SER A 159 -5.99 -11.09 20.79
N ILE A 160 -6.00 -9.95 21.47
CA ILE A 160 -6.82 -9.76 22.65
C ILE A 160 -8.22 -9.30 22.27
N SER A 161 -9.17 -10.21 22.43
CA SER A 161 -10.57 -9.96 22.11
C SER A 161 -11.40 -10.10 23.37
N GLY A 162 -12.13 -9.05 23.72
CA GLY A 162 -12.91 -9.08 24.94
C GLY A 162 -13.40 -7.71 25.35
N ALA A 163 -14.34 -7.70 26.30
CA ALA A 163 -14.94 -6.49 26.83
C ALA A 163 -14.28 -6.16 28.15
N ASN A 164 -13.98 -4.88 28.36
CA ASN A 164 -13.47 -4.39 29.64
C ASN A 164 -12.11 -4.95 30.04
N VAL A 165 -11.33 -5.29 29.03
CA VAL A 165 -9.95 -5.70 29.22
C VAL A 165 -9.14 -4.56 29.81
N VAL A 166 -9.50 -3.33 29.46
CA VAL A 166 -8.82 -2.17 30.02
C VAL A 166 -9.02 -2.06 31.54
N GLY A 167 -10.23 -2.35 32.00
CA GLY A 167 -10.48 -2.40 33.43
C GLY A 167 -9.61 -3.47 34.06
N TRP A 168 -9.42 -4.57 33.33
CA TRP A 168 -8.59 -5.66 33.81
C TRP A 168 -7.12 -5.24 33.95
N VAL A 169 -6.65 -4.42 33.03
CA VAL A 169 -5.27 -3.93 33.10
C VAL A 169 -5.07 -2.98 34.27
N LEU A 170 -6.06 -2.14 34.52
CA LEU A 170 -5.92 -1.07 35.52
C LEU A 170 -6.51 -1.42 36.88
N SER A 171 -7.01 -2.65 37.01
CA SER A 171 -7.77 -3.06 38.20
C SER A 171 -7.02 -2.86 39.52
N ASP A 172 -5.77 -3.31 39.58
CA ASP A 172 -5.01 -3.19 40.82
C ASP A 172 -4.19 -1.89 40.91
N GLY A 173 -4.66 -0.83 40.24
CA GLY A 173 -4.02 0.47 40.34
C GLY A 173 -3.23 0.94 39.11
N CYS A 174 -3.11 2.26 38.98
CA CYS A 174 -2.45 2.83 37.80
C CYS A 174 -1.89 4.21 38.10
N GLY A 175 -1.59 4.45 39.37
CA GLY A 175 -1.04 5.72 39.81
C GLY A 175 0.31 6.03 39.20
N GLU A 176 1.04 4.99 38.83
CA GLU A 176 2.37 5.14 38.23
C GLU A 176 2.36 5.24 36.70
N LEU A 177 1.29 4.77 36.07
CA LEU A 177 1.23 4.62 34.60
C LEU A 177 1.27 5.93 33.81
N LYS A 178 2.23 6.03 32.89
CA LYS A 178 2.37 7.23 32.10
C LYS A 178 1.95 7.02 30.63
N HIS A 179 2.01 5.78 30.18
CA HIS A 179 1.88 5.46 28.75
C HIS A 179 1.22 4.10 28.63
N LEU A 180 -0.01 4.10 28.14
CA LEU A 180 -0.76 2.87 27.89
C LEU A 180 -1.09 2.76 26.41
N ALA A 181 -0.65 1.67 25.78
CA ALA A 181 -0.94 1.44 24.38
C ALA A 181 -1.47 0.04 24.25
N ILE A 182 -2.62 -0.08 23.59
CA ILE A 182 -3.29 -1.38 23.44
CA ILE A 182 -3.25 -1.39 23.43
C ILE A 182 -3.99 -1.43 22.09
N SER A 183 -3.45 -0.72 21.10
CA SER A 183 -4.08 -0.63 19.80
C SER A 183 -3.98 -1.95 19.06
N GLY A 184 -4.82 -2.12 18.02
CA GLY A 184 -4.72 -3.27 17.15
C GLY A 184 -5.09 -4.58 17.81
N ASN A 185 -6.13 -4.53 18.63
CA ASN A 185 -6.73 -5.72 19.20
C ASN A 185 -8.22 -5.71 18.87
N LYS A 186 -9.00 -6.48 19.61
CA LYS A 186 -10.43 -6.50 19.43
C LYS A 186 -11.10 -6.26 20.79
N ILE A 187 -10.70 -5.16 21.42
CA ILE A 187 -11.13 -4.83 22.76
C ILE A 187 -12.32 -3.89 22.69
N SER A 188 -13.26 -4.09 23.59
CA SER A 188 -14.48 -3.28 23.61
C SER A 188 -14.88 -2.88 25.02
N GLY A 189 -15.95 -2.10 25.12
CA GLY A 189 -16.51 -1.79 26.43
C GLY A 189 -16.05 -0.45 26.96
N ASP A 190 -15.74 -0.42 28.25
CA ASP A 190 -15.41 0.81 28.96
C ASP A 190 -13.89 1.05 29.07
N VAL A 191 -13.53 2.32 28.98
CA VAL A 191 -12.16 2.77 29.16
C VAL A 191 -12.23 3.88 30.21
N ASP A 192 -11.78 3.56 31.42
CA ASP A 192 -11.81 4.52 32.50
C ASP A 192 -10.41 4.66 33.07
N VAL A 193 -9.79 5.80 32.77
CA VAL A 193 -8.44 6.07 33.20
C VAL A 193 -8.41 7.31 34.10
N SER A 194 -9.56 7.64 34.68
CA SER A 194 -9.68 8.76 35.60
C SER A 194 -8.82 8.63 36.87
N ARG A 195 -8.56 7.40 37.31
CA ARG A 195 -7.69 7.18 38.48
C ARG A 195 -6.21 7.23 38.10
N CYS A 196 -5.92 7.25 36.80
CA CYS A 196 -4.54 7.28 36.31
C CYS A 196 -4.05 8.71 36.14
N VAL A 197 -3.85 9.41 37.26
CA VAL A 197 -3.60 10.85 37.24
C VAL A 197 -2.24 11.27 36.64
N ASN A 198 -1.40 10.29 36.33
CA ASN A 198 -0.13 10.59 35.68
C ASN A 198 -0.09 10.16 34.23
N LEU A 199 -1.21 9.70 33.68
CA LEU A 199 -1.24 9.18 32.30
C LEU A 199 -0.99 10.28 31.25
N GLU A 200 0.07 10.13 30.46
CA GLU A 200 0.40 11.16 29.47
C GLU A 200 -0.04 10.71 28.08
N PHE A 201 -0.07 9.40 27.89
CA PHE A 201 -0.22 8.82 26.56
C PHE A 201 -1.24 7.69 26.63
N LEU A 202 -2.33 7.82 25.86
CA LEU A 202 -3.33 6.75 25.75
C LEU A 202 -3.64 6.43 24.28
N ASP A 203 -3.43 5.19 23.88
CA ASP A 203 -3.72 4.71 22.56
C ASP A 203 -4.60 3.47 22.63
N VAL A 204 -5.89 3.65 22.39
CA VAL A 204 -6.80 2.53 22.34
C VAL A 204 -7.32 2.36 20.92
N SER A 205 -6.52 2.80 19.95
CA SER A 205 -6.95 2.81 18.55
C SER A 205 -7.05 1.42 17.94
N SER A 206 -7.78 1.36 16.83
CA SER A 206 -7.99 0.12 16.06
C SER A 206 -8.44 -1.04 16.93
N ASN A 207 -9.57 -0.85 17.60
CA ASN A 207 -10.10 -1.89 18.43
C ASN A 207 -11.55 -2.14 18.03
N ASN A 208 -12.39 -2.41 19.03
CA ASN A 208 -13.78 -2.73 18.81
C ASN A 208 -14.69 -1.92 19.77
N PHE A 209 -14.26 -0.70 20.10
CA PHE A 209 -15.04 0.17 20.98
C PHE A 209 -16.20 0.76 20.21
N SER A 210 -17.40 0.67 20.76
CA SER A 210 -18.59 1.16 20.07
C SER A 210 -19.59 1.74 21.05
N THR A 211 -19.24 1.73 22.33
CA THR A 211 -20.13 2.30 23.32
C THR A 211 -19.58 3.61 23.88
N GLY A 212 -19.22 3.61 25.15
CA GLY A 212 -18.76 4.83 25.79
C GLY A 212 -17.47 5.42 25.24
N ILE A 213 -17.38 6.75 25.30
CA ILE A 213 -16.11 7.42 25.09
C ILE A 213 -15.27 7.22 26.34
N PRO A 214 -13.94 7.07 26.18
CA PRO A 214 -13.07 6.94 27.35
C PRO A 214 -13.29 8.03 28.41
N PHE A 215 -13.46 7.64 29.66
CA PHE A 215 -13.61 8.60 30.76
C PHE A 215 -12.23 9.01 31.29
N LEU A 216 -11.96 10.31 31.39
CA LEU A 216 -10.61 10.76 31.64
C LEU A 216 -10.47 11.51 32.96
N GLY A 217 -11.56 11.65 33.70
CA GLY A 217 -11.50 12.41 34.93
C GLY A 217 -10.84 13.76 34.69
N ASP A 218 -9.92 14.12 35.58
CA ASP A 218 -9.27 15.44 35.50
C ASP A 218 -8.38 15.57 34.29
N CYS A 219 -7.91 14.43 33.79
CA CYS A 219 -7.16 14.43 32.56
C CYS A 219 -5.93 15.36 32.75
N SER A 220 -5.32 15.27 33.93
CA SER A 220 -4.35 16.24 34.40
C SER A 220 -2.99 16.20 33.70
N ALA A 221 -2.62 15.04 33.17
CA ALA A 221 -1.32 14.91 32.54
C ALA A 221 -1.38 14.43 31.09
N LEU A 222 -2.58 14.44 30.48
CA LEU A 222 -2.74 13.76 29.19
C LEU A 222 -2.32 14.59 27.99
N GLN A 223 -1.42 14.05 27.19
CA GLN A 223 -0.84 14.80 26.08
C GLN A 223 -1.13 14.17 24.74
N HIS A 224 -1.39 12.87 24.75
CA HIS A 224 -1.60 12.11 23.54
C HIS A 224 -2.81 11.22 23.72
N LEU A 225 -3.86 11.44 22.92
CA LEU A 225 -5.08 10.62 23.00
C LEU A 225 -5.46 10.14 21.60
N ASP A 226 -5.44 8.82 21.44
CA ASP A 226 -5.74 8.20 20.17
C ASP A 226 -6.84 7.17 20.40
N ILE A 227 -8.05 7.49 19.92
CA ILE A 227 -9.18 6.57 20.01
C ILE A 227 -9.63 6.21 18.60
N SER A 228 -8.78 6.52 17.63
CA SER A 228 -9.07 6.30 16.21
C SER A 228 -9.33 4.83 15.88
N GLY A 229 -9.91 4.58 14.71
CA GLY A 229 -10.11 3.22 14.24
C GLY A 229 -11.09 2.40 15.07
N ASN A 230 -12.19 3.02 15.49
CA ASN A 230 -13.23 2.27 16.20
C ASN A 230 -14.62 2.53 15.63
N LYS A 231 -15.64 2.37 16.45
CA LYS A 231 -17.01 2.65 16.02
C LYS A 231 -17.66 3.62 16.98
N LEU A 232 -16.89 4.56 17.49
CA LEU A 232 -17.38 5.46 18.53
C LEU A 232 -18.17 6.62 17.94
N SER A 233 -19.21 7.02 18.68
CA SER A 233 -19.96 8.25 18.41
C SER A 233 -20.30 8.86 19.75
N GLY A 234 -20.74 10.12 19.77
CA GLY A 234 -21.07 10.76 21.03
C GLY A 234 -20.23 11.97 21.40
N ASP A 235 -20.39 12.43 22.63
CA ASP A 235 -19.86 13.73 23.03
C ASP A 235 -18.38 13.64 23.48
N PHE A 236 -17.50 13.40 22.53
CA PHE A 236 -16.07 13.31 22.84
C PHE A 236 -15.59 14.69 23.32
N SER A 237 -16.29 15.73 22.88
CA SER A 237 -15.94 17.10 23.24
C SER A 237 -16.01 17.30 24.75
N ARG A 238 -17.12 16.88 25.34
CA ARG A 238 -17.27 16.96 26.79
C ARG A 238 -16.23 16.10 27.51
N ALA A 239 -15.94 14.92 26.96
CA ALA A 239 -14.98 13.99 27.55
C ALA A 239 -13.56 14.56 27.69
N ILE A 240 -13.13 15.39 26.74
CA ILE A 240 -11.77 15.92 26.73
C ILE A 240 -11.70 17.39 27.17
N SER A 241 -12.84 17.98 27.49
CA SER A 241 -12.89 19.41 27.83
C SER A 241 -12.02 19.79 29.03
N THR A 242 -11.69 18.82 29.88
CA THR A 242 -10.79 19.11 31.01
C THR A 242 -9.31 18.92 30.66
N CYS A 243 -9.02 18.39 29.47
CA CYS A 243 -7.66 18.01 29.10
C CYS A 243 -6.86 19.21 28.60
N THR A 244 -6.25 19.94 29.53
CA THR A 244 -5.62 21.20 29.17
C THR A 244 -4.20 21.04 28.65
N GLU A 245 -3.65 19.83 28.78
CA GLU A 245 -2.28 19.60 28.31
C GLU A 245 -2.23 18.84 26.98
N LEU A 246 -3.39 18.59 26.39
CA LEU A 246 -3.50 17.75 25.19
C LEU A 246 -2.71 18.29 23.98
N LYS A 247 -1.86 17.45 23.41
CA LYS A 247 -1.01 17.86 22.30
C LYS A 247 -1.41 17.17 21.01
N LEU A 248 -1.91 15.96 21.14
CA LEU A 248 -2.34 15.17 20.00
C LEU A 248 -3.69 14.56 20.30
N LEU A 249 -4.64 14.76 19.40
CA LEU A 249 -5.97 14.16 19.50
C LEU A 249 -6.29 13.55 18.15
N ASN A 250 -6.37 12.23 18.11
CA ASN A 250 -6.72 11.51 16.92
C ASN A 250 -8.02 10.74 17.16
N ILE A 251 -9.12 11.20 16.57
CA ILE A 251 -10.38 10.46 16.68
C ILE A 251 -10.85 9.94 15.31
N SER A 252 -9.92 9.91 14.36
CA SER A 252 -10.24 9.53 12.99
C SER A 252 -10.76 8.11 12.84
N SER A 253 -11.45 7.85 11.73
CA SER A 253 -12.05 6.54 11.47
C SER A 253 -12.98 6.09 12.60
N ASN A 254 -13.99 6.90 12.87
CA ASN A 254 -15.03 6.50 13.81
C ASN A 254 -16.40 6.83 13.23
N GLN A 255 -17.37 7.12 14.09
CA GLN A 255 -18.75 7.38 13.66
C GLN A 255 -19.27 8.67 14.25
N PHE A 256 -18.41 9.65 14.42
CA PHE A 256 -18.86 10.93 14.93
C PHE A 256 -19.60 11.69 13.85
N VAL A 257 -20.68 12.34 14.25
CA VAL A 257 -21.49 13.10 13.33
C VAL A 257 -21.60 14.53 13.84
N GLY A 258 -22.13 15.43 13.01
CA GLY A 258 -22.38 16.80 13.42
C GLY A 258 -21.20 17.72 13.15
N PRO A 259 -21.32 18.99 13.53
CA PRO A 259 -20.26 19.96 13.33
C PRO A 259 -19.11 19.72 14.30
N ILE A 260 -17.94 20.25 13.98
CA ILE A 260 -16.81 20.24 14.90
C ILE A 260 -17.15 20.98 16.19
N PRO A 261 -17.19 20.28 17.31
CA PRO A 261 -17.54 20.90 18.58
C PRO A 261 -16.33 21.59 19.20
N PRO A 262 -16.51 22.23 20.35
CA PRO A 262 -15.40 22.83 21.10
C PRO A 262 -14.24 21.85 21.38
N LEU A 263 -13.02 22.39 21.47
CA LEU A 263 -11.82 21.57 21.64
C LEU A 263 -10.79 22.32 22.48
N PRO A 264 -9.95 21.59 23.23
CA PRO A 264 -8.89 22.24 24.03
C PRO A 264 -7.71 22.58 23.13
N LEU A 265 -7.41 23.87 22.95
CA LEU A 265 -6.54 24.32 21.88
C LEU A 265 -5.18 24.89 22.29
N LYS A 266 -5.01 25.18 23.57
CA LYS A 266 -3.85 25.96 23.98
C LYS A 266 -2.55 25.19 23.89
N SER A 267 -2.65 23.87 23.81
CA SER A 267 -1.45 23.03 23.70
C SER A 267 -1.46 22.14 22.46
N LEU A 268 -2.55 22.18 21.70
CA LEU A 268 -2.79 21.27 20.57
C LEU A 268 -1.78 21.39 19.41
N GLN A 269 -1.16 20.27 19.06
CA GLN A 269 -0.19 20.27 17.97
C GLN A 269 -0.73 19.48 16.79
N TYR A 270 -1.30 18.32 17.07
CA TYR A 270 -1.86 17.50 16.01
C TYR A 270 -3.32 17.16 16.25
N LEU A 271 -4.14 17.39 15.24
CA LEU A 271 -5.58 17.11 15.33
C LEU A 271 -6.07 16.35 14.11
N SER A 272 -6.70 15.21 14.35
CA SER A 272 -7.33 14.48 13.26
C SER A 272 -8.77 14.09 13.56
N LEU A 273 -9.66 14.51 12.66
CA LEU A 273 -11.08 14.18 12.72
C LEU A 273 -11.44 13.39 11.48
N ALA A 274 -10.41 12.98 10.74
CA ALA A 274 -10.58 12.35 9.43
C ALA A 274 -11.49 11.14 9.45
N GLU A 275 -12.22 10.92 8.35
CA GLU A 275 -13.00 9.70 8.17
C GLU A 275 -14.07 9.55 9.24
N ASN A 276 -14.82 10.61 9.46
CA ASN A 276 -16.00 10.53 10.29
C ASN A 276 -17.23 10.97 9.49
N LYS A 277 -18.23 11.54 10.16
CA LYS A 277 -19.39 12.07 9.45
C LYS A 277 -19.66 13.52 9.85
N PHE A 278 -18.60 14.26 10.11
CA PHE A 278 -18.75 15.65 10.48
C PHE A 278 -19.31 16.49 9.32
N THR A 279 -20.11 17.48 9.67
CA THR A 279 -20.79 18.30 8.69
C THR A 279 -20.47 19.77 8.95
N GLY A 280 -20.92 20.64 8.05
CA GLY A 280 -20.83 22.08 8.27
C GLY A 280 -19.54 22.67 7.76
N GLU A 281 -19.24 23.88 8.21
CA GLU A 281 -18.03 24.58 7.81
C GLU A 281 -16.99 24.58 8.93
N ILE A 282 -15.73 24.83 8.60
CA ILE A 282 -14.69 24.92 9.62
C ILE A 282 -14.90 26.17 10.46
N PRO A 283 -15.13 25.99 11.77
CA PRO A 283 -15.49 27.08 12.69
C PRO A 283 -14.32 28.01 13.04
N ASP A 284 -14.64 29.29 13.25
CA ASP A 284 -13.62 30.30 13.49
C ASP A 284 -12.86 30.05 14.79
N PHE A 285 -13.50 29.39 15.75
CA PHE A 285 -12.88 29.19 17.05
C PHE A 285 -11.60 28.35 16.99
N LEU A 286 -11.38 27.67 15.88
CA LEU A 286 -10.15 26.87 15.71
C LEU A 286 -8.87 27.71 15.64
N SER A 287 -9.03 29.01 15.38
CA SER A 287 -7.91 29.95 15.42
C SER A 287 -7.14 29.87 16.75
N GLY A 288 -7.81 29.37 17.78
CA GLY A 288 -7.21 29.28 19.11
C GLY A 288 -6.06 28.28 19.22
N ALA A 289 -5.92 27.43 18.22
CA ALA A 289 -4.82 26.46 18.22
C ALA A 289 -3.64 26.95 17.39
N CYS A 290 -3.86 28.01 16.61
CA CYS A 290 -2.85 28.50 15.66
C CYS A 290 -1.49 28.84 16.28
N ASP A 291 -1.42 28.91 17.60
CA ASP A 291 -0.15 29.18 18.25
C ASP A 291 0.72 27.93 18.30
N THR A 292 0.08 26.77 18.22
CA THR A 292 0.75 25.48 18.47
C THR A 292 0.48 24.40 17.41
N LEU A 293 -0.61 24.55 16.67
CA LEU A 293 -1.04 23.53 15.71
C LEU A 293 0.00 23.24 14.64
N THR A 294 0.32 21.96 14.50
CA THR A 294 1.39 21.52 13.63
C THR A 294 0.82 20.67 12.48
N GLY A 295 -0.25 19.96 12.77
CA GLY A 295 -0.86 19.11 11.78
C GLY A 295 -2.36 19.13 11.95
N LEU A 296 -3.08 19.32 10.84
CA LEU A 296 -4.53 19.26 10.85
C LEU A 296 -5.01 18.29 9.79
N ASP A 297 -5.93 17.41 10.17
CA ASP A 297 -6.53 16.49 9.21
C ASP A 297 -8.04 16.40 9.40
N LEU A 298 -8.76 16.83 8.37
CA LEU A 298 -10.22 16.88 8.37
C LEU A 298 -10.80 16.03 7.23
N SER A 299 -9.90 15.37 6.51
CA SER A 299 -10.23 14.53 5.37
C SER A 299 -11.39 13.56 5.59
N GLY A 300 -12.15 13.32 4.53
CA GLY A 300 -13.14 12.26 4.52
C GLY A 300 -14.35 12.49 5.40
N ASN A 301 -14.79 13.73 5.46
CA ASN A 301 -16.05 14.06 6.12
C ASN A 301 -16.99 14.72 5.12
N HIS A 302 -17.88 15.59 5.59
CA HIS A 302 -18.84 16.28 4.72
C HIS A 302 -18.73 17.78 4.92
N PHE A 303 -17.53 18.25 5.21
CA PHE A 303 -17.32 19.67 5.38
C PHE A 303 -17.55 20.42 4.05
N TYR A 304 -17.69 21.73 4.13
CA TYR A 304 -17.93 22.55 2.95
C TYR A 304 -17.62 24.02 3.19
N GLY A 305 -17.84 24.84 2.17
CA GLY A 305 -17.54 26.25 2.27
C GLY A 305 -16.11 26.54 1.86
N ALA A 306 -15.47 27.48 2.53
CA ALA A 306 -14.10 27.84 2.21
C ALA A 306 -13.18 27.60 3.40
N VAL A 307 -11.88 27.60 3.14
CA VAL A 307 -10.89 27.52 4.22
C VAL A 307 -10.79 28.90 4.87
N PRO A 308 -11.17 28.99 6.15
CA PRO A 308 -11.23 30.28 6.86
C PRO A 308 -9.91 31.06 6.79
N PRO A 309 -10.02 32.39 6.80
CA PRO A 309 -8.88 33.31 6.79
C PRO A 309 -7.96 33.15 8.00
N PHE A 310 -8.50 32.74 9.16
CA PHE A 310 -7.73 32.69 10.41
C PHE A 310 -6.47 31.81 10.32
N PHE A 311 -6.49 30.85 9.40
CA PHE A 311 -5.38 29.92 9.22
C PHE A 311 -4.05 30.62 8.92
N GLY A 312 -4.11 31.88 8.53
CA GLY A 312 -2.90 32.64 8.25
C GLY A 312 -2.03 32.78 9.49
N SER A 313 -2.66 32.76 10.66
CA SER A 313 -1.93 32.90 11.93
C SER A 313 -1.27 31.59 12.39
N CYS A 314 -1.69 30.47 11.78
CA CYS A 314 -1.12 29.15 12.10
C CYS A 314 0.25 29.04 11.45
N SER A 315 1.16 29.90 11.87
CA SER A 315 2.47 29.97 11.24
C SER A 315 3.31 28.71 11.49
N LEU A 316 2.79 27.81 12.32
CA LEU A 316 3.52 26.58 12.64
C LEU A 316 2.97 25.34 11.92
N LEU A 317 1.81 25.51 11.29
CA LEU A 317 1.10 24.40 10.65
C LEU A 317 1.91 23.81 9.48
N GLU A 318 2.32 22.55 9.61
CA GLU A 318 3.17 21.93 8.61
C GLU A 318 2.37 21.18 7.56
N SER A 319 1.21 20.66 7.95
CA SER A 319 0.41 19.87 7.02
C SER A 319 -1.07 20.09 7.22
N LEU A 320 -1.76 20.34 6.11
CA LEU A 320 -3.18 20.62 6.11
C LEU A 320 -3.83 19.66 5.12
N ALA A 321 -4.67 18.78 5.65
CA ALA A 321 -5.34 17.81 4.81
C ALA A 321 -6.84 18.00 4.93
N LEU A 322 -7.50 18.18 3.79
CA LEU A 322 -8.91 18.53 3.73
C LEU A 322 -9.60 17.75 2.63
N SER A 323 -8.98 16.66 2.21
CA SER A 323 -9.46 15.95 1.04
C SER A 323 -10.75 15.20 1.31
N SER A 324 -11.48 14.88 0.24
CA SER A 324 -12.75 14.15 0.33
C SER A 324 -13.75 14.84 1.24
N ASN A 325 -13.92 16.14 1.04
CA ASN A 325 -15.06 16.85 1.56
C ASN A 325 -15.72 17.56 0.40
N ASN A 326 -16.28 18.74 0.66
CA ASN A 326 -16.88 19.54 -0.39
C ASN A 326 -16.50 21.01 -0.31
N PHE A 327 -15.23 21.27 0.00
CA PHE A 327 -14.74 22.65 0.02
C PHE A 327 -14.80 23.22 -1.40
N SER A 328 -14.94 24.53 -1.51
CA SER A 328 -15.06 25.17 -2.82
C SER A 328 -14.49 26.59 -2.87
N GLY A 329 -14.71 27.24 -4.01
CA GLY A 329 -14.15 28.55 -4.22
C GLY A 329 -12.76 28.41 -4.81
N GLU A 330 -12.06 29.54 -4.92
CA GLU A 330 -10.71 29.53 -5.47
C GLU A 330 -9.67 29.15 -4.42
N LEU A 331 -8.51 28.73 -4.90
CA LEU A 331 -7.39 28.41 -4.05
C LEU A 331 -7.04 29.64 -3.20
N PRO A 332 -7.31 29.58 -1.88
CA PRO A 332 -7.25 30.73 -0.97
C PRO A 332 -5.85 31.32 -0.76
N MET A 333 -5.07 31.44 -1.83
CA MET A 333 -3.67 31.92 -1.80
C MET A 333 -3.32 32.96 -0.73
N ASP A 334 -4.20 33.93 -0.51
CA ASP A 334 -3.95 34.96 0.48
C ASP A 334 -3.64 34.33 1.86
N THR A 335 -4.39 33.28 2.20
CA THR A 335 -4.17 32.60 3.47
C THR A 335 -2.96 31.67 3.43
N LEU A 336 -2.85 30.86 2.38
CA LEU A 336 -1.77 29.90 2.25
C LEU A 336 -0.37 30.54 2.32
N LEU A 337 -0.23 31.73 1.74
CA LEU A 337 1.08 32.39 1.65
C LEU A 337 1.63 32.86 2.99
N LYS A 338 0.76 32.94 4.00
CA LYS A 338 1.18 33.32 5.34
C LYS A 338 1.64 32.11 6.17
N MET A 339 1.24 30.91 5.74
CA MET A 339 1.60 29.71 6.46
C MET A 339 3.08 29.38 6.25
N ARG A 340 3.92 30.17 6.91
CA ARG A 340 5.37 30.07 6.77
C ARG A 340 5.88 28.64 6.79
N GLY A 341 5.33 27.81 7.67
CA GLY A 341 5.86 26.49 7.92
C GLY A 341 5.25 25.33 7.14
N LEU A 342 4.29 25.65 6.26
CA LEU A 342 3.52 24.64 5.55
C LEU A 342 4.36 23.78 4.59
N LYS A 343 4.13 22.47 4.61
CA LYS A 343 4.95 21.53 3.86
C LYS A 343 4.11 20.52 3.06
N VAL A 344 2.98 20.09 3.62
CA VAL A 344 2.06 19.23 2.89
C VAL A 344 0.71 19.91 2.75
N LEU A 345 0.24 20.03 1.52
CA LEU A 345 -1.04 20.66 1.28
C LEU A 345 -1.92 19.72 0.44
N ASP A 346 -3.04 19.28 1.02
CA ASP A 346 -3.86 18.26 0.39
C ASP A 346 -5.33 18.67 0.36
N LEU A 347 -5.79 19.08 -0.81
CA LEU A 347 -7.14 19.57 -0.99
C LEU A 347 -7.88 18.68 -1.98
N SER A 348 -7.31 17.50 -2.21
CA SER A 348 -7.81 16.59 -3.23
C SER A 348 -9.24 16.18 -2.92
N PHE A 349 -9.98 15.80 -3.97
CA PHE A 349 -11.36 15.34 -3.86
C PHE A 349 -12.32 16.35 -3.23
N ASN A 350 -12.21 17.59 -3.67
CA ASN A 350 -13.20 18.61 -3.34
C ASN A 350 -13.74 19.27 -4.60
N GLU A 351 -14.26 20.48 -4.45
CA GLU A 351 -14.78 21.19 -5.61
C GLU A 351 -14.23 22.59 -5.72
N PHE A 352 -12.94 22.75 -5.43
CA PHE A 352 -12.24 24.00 -5.67
C PHE A 352 -12.23 24.25 -7.18
N SER A 353 -12.38 25.51 -7.56
CA SER A 353 -12.53 25.85 -8.96
C SER A 353 -11.75 27.10 -9.34
N GLY A 354 -11.87 27.50 -10.60
CA GLY A 354 -11.17 28.67 -11.10
C GLY A 354 -9.75 28.34 -11.52
N GLU A 355 -9.05 29.32 -12.06
CA GLU A 355 -7.67 29.13 -12.51
C GLU A 355 -6.69 29.23 -11.35
N LEU A 356 -5.50 28.68 -11.53
CA LEU A 356 -4.46 28.73 -10.51
C LEU A 356 -3.82 30.12 -10.41
N PRO A 357 -3.90 30.74 -9.22
CA PRO A 357 -3.38 32.10 -8.96
C PRO A 357 -1.86 32.17 -9.11
N GLU A 358 -1.38 33.27 -9.69
CA GLU A 358 0.05 33.46 -9.95
C GLU A 358 0.92 33.24 -8.71
N SER A 359 0.41 33.68 -7.55
CA SER A 359 1.16 33.65 -6.28
C SER A 359 1.54 32.24 -5.81
N LEU A 360 0.89 31.23 -6.38
CA LEU A 360 1.16 29.84 -6.03
C LEU A 360 2.62 29.48 -6.28
N THR A 361 3.31 30.35 -7.02
CA THR A 361 4.70 30.12 -7.38
C THR A 361 5.64 30.27 -6.19
N ASN A 362 5.19 31.01 -5.18
CA ASN A 362 5.97 31.17 -3.97
C ASN A 362 6.04 29.89 -3.13
N LEU A 363 4.92 29.18 -3.05
CA LEU A 363 4.85 27.94 -2.29
C LEU A 363 5.80 26.85 -2.82
N SER A 364 6.18 26.95 -4.09
CA SER A 364 7.12 26.00 -4.69
C SER A 364 8.43 25.93 -3.90
N ALA A 365 8.73 26.96 -3.12
CA ALA A 365 9.98 27.01 -2.38
C ALA A 365 9.87 26.49 -0.94
N SER A 366 8.64 26.20 -0.51
CA SER A 366 8.39 25.72 0.85
C SER A 366 7.71 24.34 0.92
N LEU A 367 6.80 24.07 -0.02
CA LEU A 367 6.02 22.83 -0.02
C LEU A 367 6.81 21.60 -0.43
N LEU A 368 6.45 20.46 0.16
CA LEU A 368 6.99 19.17 -0.28
C LEU A 368 5.93 18.46 -1.12
N THR A 369 4.66 18.64 -0.75
CA THR A 369 3.55 18.00 -1.43
C THR A 369 2.48 19.02 -1.75
N LEU A 370 2.06 19.02 -3.02
CA LEU A 370 0.94 19.85 -3.45
C LEU A 370 -0.06 18.95 -4.13
N ASP A 371 -1.17 18.67 -3.45
CA ASP A 371 -2.17 17.76 -3.99
C ASP A 371 -3.47 18.49 -4.22
N LEU A 372 -3.77 18.73 -5.51
CA LEU A 372 -4.98 19.43 -5.91
C LEU A 372 -5.87 18.53 -6.73
N SER A 373 -5.55 17.23 -6.73
CA SER A 373 -6.24 16.26 -7.57
C SER A 373 -7.75 16.20 -7.29
N SER A 374 -8.49 15.79 -8.32
CA SER A 374 -9.95 15.65 -8.22
C SER A 374 -10.67 16.88 -7.69
N ASN A 375 -10.43 18.02 -8.33
CA ASN A 375 -11.24 19.21 -8.13
C ASN A 375 -11.79 19.70 -9.48
N ASN A 376 -12.45 20.85 -9.50
N ASN A 376 -12.41 20.87 -9.48
CA ASN A 376 -12.87 21.42 -10.78
CA ASN A 376 -12.94 21.49 -10.70
C ASN A 376 -12.07 22.66 -11.13
C ASN A 376 -12.07 22.64 -11.21
N PHE A 377 -10.75 22.53 -11.07
CA PHE A 377 -9.87 23.60 -11.53
C PHE A 377 -9.88 23.68 -13.06
N SER A 378 -9.56 24.85 -13.58
CA SER A 378 -9.54 25.11 -15.02
C SER A 378 -8.37 26.01 -15.36
N GLY A 379 -8.13 26.23 -16.65
CA GLY A 379 -7.02 27.05 -17.09
C GLY A 379 -5.73 26.26 -17.21
N PRO A 380 -4.60 26.96 -17.42
CA PRO A 380 -3.30 26.31 -17.60
C PRO A 380 -2.53 26.09 -16.30
N ILE A 381 -1.59 25.16 -16.33
CA ILE A 381 -0.63 24.96 -15.24
C ILE A 381 0.30 26.15 -15.23
N LEU A 382 0.43 26.82 -14.08
CA LEU A 382 1.29 28.00 -13.99
C LEU A 382 2.66 27.79 -14.62
N PRO A 383 2.96 28.56 -15.67
CA PRO A 383 4.24 28.38 -16.33
C PRO A 383 5.36 28.81 -15.41
N ASN A 384 5.14 29.93 -14.70
CA ASN A 384 6.14 30.49 -13.80
C ASN A 384 6.40 29.61 -12.58
N LEU A 385 5.69 28.48 -12.49
CA LEU A 385 5.82 27.59 -11.35
C LEU A 385 7.27 27.18 -11.12
N CYS A 386 7.66 27.13 -9.85
CA CYS A 386 9.05 26.83 -9.50
C CYS A 386 10.06 27.79 -10.10
N GLN A 387 9.70 29.08 -10.18
CA GLN A 387 10.66 30.12 -10.46
C GLN A 387 11.52 30.28 -9.22
N ASN A 388 10.87 30.37 -8.07
CA ASN A 388 11.53 30.52 -6.79
C ASN A 388 12.72 29.57 -6.63
N PRO A 389 13.93 30.10 -6.83
CA PRO A 389 15.16 29.34 -6.59
C PRO A 389 15.08 28.59 -5.26
N LYS A 390 15.75 27.44 -5.20
CA LYS A 390 15.65 26.55 -4.04
C LYS A 390 14.26 25.91 -3.95
N ASN A 391 13.80 25.35 -5.07
CA ASN A 391 12.53 24.64 -5.11
C ASN A 391 12.60 23.33 -4.34
N THR A 392 11.66 23.13 -3.43
CA THR A 392 11.69 21.96 -2.55
C THR A 392 10.60 20.93 -2.91
N LEU A 393 9.60 21.39 -3.66
CA LEU A 393 8.45 20.59 -4.05
C LEU A 393 8.81 19.19 -4.58
N GLN A 394 8.26 18.17 -3.93
CA GLN A 394 8.59 16.79 -4.24
C GLN A 394 7.47 16.05 -4.95
N GLU A 395 6.23 16.42 -4.65
CA GLU A 395 5.07 15.70 -5.19
C GLU A 395 4.01 16.67 -5.70
N LEU A 396 3.72 16.57 -7.00
CA LEU A 396 2.74 17.44 -7.64
C LEU A 396 1.59 16.64 -8.23
N TYR A 397 0.43 16.71 -7.60
CA TYR A 397 -0.74 15.96 -8.02
C TYR A 397 -1.86 16.89 -8.50
N LEU A 398 -2.06 16.94 -9.82
CA LEU A 398 -3.06 17.82 -10.41
C LEU A 398 -4.08 17.06 -11.24
N GLN A 399 -4.11 15.75 -11.06
CA GLN A 399 -4.92 14.89 -11.93
C GLN A 399 -6.42 15.07 -11.68
N ASN A 400 -7.21 14.77 -12.71
CA ASN A 400 -8.66 14.83 -12.62
C ASN A 400 -9.16 16.24 -12.31
N ASN A 401 -8.71 17.19 -13.10
CA ASN A 401 -9.22 18.55 -13.07
C ASN A 401 -9.71 18.92 -14.47
N GLY A 402 -9.57 20.19 -14.83
CA GLY A 402 -9.96 20.65 -16.15
C GLY A 402 -8.88 21.52 -16.76
N PHE A 403 -7.63 21.20 -16.46
CA PHE A 403 -6.52 21.98 -17.01
C PHE A 403 -6.39 21.86 -18.52
N THR A 404 -6.21 23.00 -19.16
CA THR A 404 -5.98 23.10 -20.59
C THR A 404 -4.59 23.69 -20.86
N GLY A 405 -4.19 23.74 -22.12
CA GLY A 405 -2.89 24.27 -22.46
C GLY A 405 -1.76 23.25 -22.39
N LYS A 406 -0.53 23.74 -22.37
CA LYS A 406 0.67 22.90 -22.43
C LYS A 406 1.14 22.43 -21.07
N ILE A 407 1.95 21.38 -21.07
CA ILE A 407 2.72 21.00 -19.90
C ILE A 407 3.92 21.93 -19.86
N PRO A 408 3.97 22.83 -18.87
CA PRO A 408 5.05 23.81 -18.71
C PRO A 408 6.41 23.12 -18.64
N PRO A 409 7.29 23.39 -19.62
CA PRO A 409 8.63 22.78 -19.57
C PRO A 409 9.30 23.25 -18.31
N THR A 410 8.81 24.38 -17.83
CA THR A 410 9.26 25.02 -16.60
C THR A 410 9.31 24.04 -15.43
N LEU A 411 8.39 23.08 -15.42
CA LEU A 411 8.34 22.10 -14.34
C LEU A 411 9.70 21.46 -14.08
N SER A 412 10.60 21.54 -15.04
CA SER A 412 11.94 20.97 -14.88
C SER A 412 12.74 21.70 -13.79
N ASN A 413 12.30 22.91 -13.44
CA ASN A 413 12.95 23.67 -12.37
C ASN A 413 12.63 23.14 -10.96
N CYS A 414 11.47 22.51 -10.80
CA CYS A 414 11.16 21.81 -9.56
C CYS A 414 12.03 20.55 -9.48
N SER A 415 13.31 20.75 -9.19
CA SER A 415 14.31 19.70 -9.38
C SER A 415 14.25 18.62 -8.32
N GLU A 416 13.36 18.76 -7.35
CA GLU A 416 13.24 17.78 -6.27
C GLU A 416 12.08 16.80 -6.49
N LEU A 417 11.39 16.99 -7.60
CA LEU A 417 10.18 16.24 -7.93
C LEU A 417 10.42 14.73 -8.00
N VAL A 418 9.64 13.96 -7.24
CA VAL A 418 9.71 12.50 -7.31
C VAL A 418 8.44 11.92 -7.96
N SER A 419 7.40 12.73 -8.01
CA SER A 419 6.10 12.24 -8.43
C SER A 419 5.28 13.34 -9.12
N LEU A 420 4.92 13.10 -10.39
CA LEU A 420 4.18 14.07 -11.20
C LEU A 420 2.96 13.45 -11.87
N HIS A 421 1.77 13.86 -11.43
CA HIS A 421 0.54 13.27 -11.93
CA HIS A 421 0.53 13.28 -11.92
C HIS A 421 -0.33 14.38 -12.53
N LEU A 422 -0.43 14.40 -13.86
CA LEU A 422 -1.23 15.41 -14.57
C LEU A 422 -2.36 14.75 -15.36
N SER A 423 -2.61 13.48 -15.06
CA SER A 423 -3.62 12.69 -15.73
C SER A 423 -5.03 13.29 -15.67
N PHE A 424 -5.91 12.76 -16.52
CA PHE A 424 -7.28 13.24 -16.57
C PHE A 424 -7.40 14.76 -16.63
N ASN A 425 -6.78 15.35 -17.64
CA ASN A 425 -7.01 16.75 -17.91
C ASN A 425 -7.27 16.93 -19.40
N TYR A 426 -7.14 18.16 -19.89
CA TYR A 426 -7.29 18.43 -21.30
C TYR A 426 -6.01 19.06 -21.81
N LEU A 427 -4.89 18.46 -21.47
CA LEU A 427 -3.61 19.03 -21.87
C LEU A 427 -3.28 18.66 -23.30
N SER A 428 -2.92 19.68 -24.07
CA SER A 428 -2.46 19.48 -25.44
C SER A 428 -0.95 19.74 -25.48
N GLY A 429 -0.39 19.82 -26.69
CA GLY A 429 1.04 20.02 -26.82
C GLY A 429 1.82 18.75 -26.57
N THR A 430 3.12 18.88 -26.35
CA THR A 430 3.98 17.71 -26.16
C THR A 430 4.39 17.48 -24.71
N ILE A 431 4.98 16.32 -24.49
CA ILE A 431 5.62 15.98 -23.23
C ILE A 431 7.01 16.63 -23.22
N PRO A 432 7.18 17.71 -22.45
CA PRO A 432 8.42 18.48 -22.54
C PRO A 432 9.68 17.64 -22.34
N SER A 433 10.64 17.81 -23.24
CA SER A 433 11.91 17.11 -23.17
C SER A 433 12.62 17.41 -21.85
N SER A 434 12.36 18.58 -21.29
CA SER A 434 13.04 19.04 -20.07
C SER A 434 12.72 18.19 -18.83
N LEU A 435 11.65 17.41 -18.86
CA LEU A 435 11.35 16.52 -17.75
C LEU A 435 12.48 15.51 -17.55
N GLY A 436 13.30 15.34 -18.57
CA GLY A 436 14.47 14.48 -18.48
C GLY A 436 15.45 14.97 -17.43
N SER A 437 15.28 16.24 -17.04
CA SER A 437 16.12 16.90 -16.04
C SER A 437 15.78 16.51 -14.60
N LEU A 438 14.54 16.04 -14.38
CA LEU A 438 14.06 15.67 -13.05
C LEU A 438 14.75 14.41 -12.55
N SER A 439 15.98 14.57 -12.09
CA SER A 439 16.87 13.45 -11.82
C SER A 439 16.42 12.55 -10.68
N LYS A 440 15.35 12.94 -9.99
CA LYS A 440 14.83 12.13 -8.90
C LYS A 440 13.43 11.59 -9.21
N LEU A 441 12.92 11.88 -10.41
CA LEU A 441 11.54 11.55 -10.74
C LEU A 441 11.32 10.04 -10.82
N ARG A 442 10.28 9.57 -10.15
CA ARG A 442 9.97 8.14 -10.16
C ARG A 442 8.65 7.83 -10.85
N ASP A 443 7.70 8.76 -10.78
CA ASP A 443 6.37 8.52 -11.31
C ASP A 443 5.90 9.66 -12.21
N LEU A 444 5.79 9.37 -13.51
CA LEU A 444 5.27 10.35 -14.46
C LEU A 444 3.92 9.83 -14.99
N LYS A 445 2.83 10.49 -14.60
CA LYS A 445 1.51 10.01 -14.98
C LYS A 445 0.74 11.10 -15.70
N LEU A 446 0.56 10.92 -17.01
CA LEU A 446 -0.01 11.96 -17.86
C LEU A 446 -1.21 11.44 -18.65
N TRP A 447 -1.80 10.34 -18.21
CA TRP A 447 -2.80 9.67 -19.04
C TRP A 447 -4.17 10.32 -19.10
N LEU A 448 -4.90 10.02 -20.17
CA LEU A 448 -6.15 10.70 -20.52
C LEU A 448 -5.95 12.21 -20.62
N ASN A 449 -5.24 12.61 -21.65
CA ASN A 449 -5.13 14.00 -22.07
C ASN A 449 -5.17 14.01 -23.60
N MET A 450 -4.66 15.08 -24.21
CA MET A 450 -4.54 15.14 -25.67
C MET A 450 -3.11 15.42 -26.06
N LEU A 451 -2.15 14.78 -25.41
CA LEU A 451 -0.74 15.02 -25.70
C LEU A 451 -0.36 14.47 -27.07
N GLU A 452 0.47 15.24 -27.78
CA GLU A 452 0.89 14.87 -29.13
C GLU A 452 2.40 14.73 -29.24
N GLY A 453 2.86 14.35 -30.43
CA GLY A 453 4.28 14.21 -30.64
C GLY A 453 4.85 12.95 -30.04
N GLU A 454 6.17 12.91 -29.94
CA GLU A 454 6.85 11.69 -29.54
C GLU A 454 7.17 11.62 -28.06
N ILE A 455 7.38 10.40 -27.58
CA ILE A 455 7.87 10.18 -26.22
C ILE A 455 9.33 10.63 -26.17
N PRO A 456 9.62 11.67 -25.36
CA PRO A 456 10.95 12.29 -25.33
C PRO A 456 12.09 11.29 -25.10
N GLN A 457 13.05 11.29 -26.02
CA GLN A 457 14.28 10.53 -25.85
C GLN A 457 14.95 10.91 -24.52
N GLU A 458 14.89 12.20 -24.20
CA GLU A 458 15.62 12.73 -23.05
CA GLU A 458 15.59 12.77 -23.03
C GLU A 458 15.23 12.09 -21.72
N LEU A 459 14.16 11.30 -21.73
CA LEU A 459 13.76 10.58 -20.51
C LEU A 459 14.86 9.63 -20.06
N MET A 460 15.80 9.34 -20.96
CA MET A 460 16.92 8.46 -20.64
C MET A 460 17.70 9.02 -19.46
N TYR A 461 17.66 10.33 -19.30
CA TYR A 461 18.42 11.02 -18.27
C TYR A 461 17.84 10.83 -16.86
N VAL A 462 16.64 10.24 -16.78
CA VAL A 462 15.98 10.01 -15.49
C VAL A 462 16.22 8.59 -15.03
N LYS A 463 17.28 8.38 -14.25
CA LYS A 463 17.68 7.03 -13.87
C LYS A 463 16.69 6.39 -12.91
N THR A 464 15.97 7.23 -12.17
CA THR A 464 15.09 6.78 -11.08
C THR A 464 13.69 6.38 -11.52
N LEU A 465 13.35 6.66 -12.78
CA LEU A 465 11.99 6.47 -13.29
C LEU A 465 11.50 5.05 -13.04
N GLU A 466 10.29 4.95 -12.49
CA GLU A 466 9.68 3.65 -12.15
C GLU A 466 8.36 3.44 -12.87
N THR A 467 7.59 4.50 -13.03
CA THR A 467 6.33 4.38 -13.75
C THR A 467 6.19 5.45 -14.83
N LEU A 468 5.76 5.01 -16.01
CA LEU A 468 5.49 5.90 -17.13
C LEU A 468 4.08 5.57 -17.61
N ILE A 469 3.12 6.42 -17.27
CA ILE A 469 1.72 6.15 -17.62
C ILE A 469 1.21 7.20 -18.59
N LEU A 470 1.07 6.81 -19.86
CA LEU A 470 0.84 7.76 -20.95
C LEU A 470 -0.39 7.38 -21.77
N ASP A 471 -1.15 6.43 -21.25
CA ASP A 471 -2.34 5.94 -21.91
C ASP A 471 -3.29 7.07 -22.30
N PHE A 472 -4.05 6.83 -23.35
CA PHE A 472 -5.12 7.71 -23.78
C PHE A 472 -4.67 9.12 -24.14
N ASN A 473 -3.73 9.19 -25.08
CA ASN A 473 -3.33 10.46 -25.63
C ASN A 473 -3.32 10.37 -27.15
N ASP A 474 -2.62 11.29 -27.80
CA ASP A 474 -2.50 11.28 -29.25
C ASP A 474 -1.04 11.18 -29.62
N LEU A 475 -0.30 10.35 -28.89
CA LEU A 475 1.13 10.23 -29.08
C LEU A 475 1.47 9.49 -30.36
N THR A 476 2.61 9.83 -30.94
CA THR A 476 3.02 9.22 -32.20
C THR A 476 4.50 8.85 -32.13
N GLY A 477 5.02 8.34 -33.24
CA GLY A 477 6.39 7.90 -33.27
C GLY A 477 6.57 6.54 -32.63
N GLU A 478 7.83 6.17 -32.38
CA GLU A 478 8.15 4.86 -31.87
C GLU A 478 8.57 4.94 -30.42
N ILE A 479 8.72 3.78 -29.77
CA ILE A 479 9.21 3.73 -28.40
C ILE A 479 10.70 4.11 -28.45
N PRO A 480 11.05 5.24 -27.82
CA PRO A 480 12.43 5.73 -27.87
C PRO A 480 13.43 4.79 -27.20
N SER A 481 14.52 4.52 -27.90
CA SER A 481 15.56 3.64 -27.43
C SER A 481 16.08 4.13 -26.08
N GLY A 482 15.94 5.43 -25.86
CA GLY A 482 16.40 6.07 -24.65
C GLY A 482 15.84 5.43 -23.40
N LEU A 483 14.60 4.93 -23.47
CA LEU A 483 13.97 4.35 -22.30
C LEU A 483 14.72 3.11 -21.79
N SER A 484 15.64 2.61 -22.60
CA SER A 484 16.41 1.43 -22.21
C SER A 484 17.29 1.74 -20.99
N ASN A 485 17.76 2.99 -20.91
CA ASN A 485 18.55 3.45 -19.77
C ASN A 485 17.76 3.53 -18.47
N CYS A 486 16.44 3.62 -18.57
CA CYS A 486 15.57 3.72 -17.38
C CYS A 486 15.35 2.34 -16.76
N THR A 487 16.42 1.76 -16.21
CA THR A 487 16.41 0.37 -15.80
C THR A 487 15.52 0.04 -14.60
N ASN A 488 15.03 1.06 -13.89
CA ASN A 488 14.18 0.82 -12.73
C ASN A 488 12.68 0.77 -13.04
N LEU A 489 12.32 1.07 -14.29
CA LEU A 489 10.93 1.04 -14.71
C LEU A 489 10.28 -0.27 -14.33
N ASN A 490 9.11 -0.19 -13.70
CA ASN A 490 8.36 -1.40 -13.37
C ASN A 490 6.94 -1.39 -13.95
N TRP A 491 6.52 -0.24 -14.47
CA TRP A 491 5.18 -0.11 -15.03
C TRP A 491 5.19 0.84 -16.24
N ILE A 492 5.13 0.26 -17.43
CA ILE A 492 5.05 1.03 -18.67
C ILE A 492 3.68 0.89 -19.30
N SER A 493 2.97 2.01 -19.46
CA SER A 493 1.65 1.96 -20.07
C SER A 493 1.47 2.99 -21.19
N LEU A 494 1.37 2.51 -22.41
CA LEU A 494 1.33 3.38 -23.59
C LEU A 494 0.07 3.16 -24.45
N SER A 495 -0.91 2.46 -23.90
CA SER A 495 -2.07 2.06 -24.69
C SER A 495 -2.86 3.28 -25.18
N ASN A 496 -3.69 3.04 -26.19
CA ASN A 496 -4.60 4.05 -26.73
C ASN A 496 -3.93 5.34 -27.15
N ASN A 497 -2.85 5.19 -27.92
CA ASN A 497 -2.21 6.29 -28.59
C ASN A 497 -2.12 5.91 -30.06
N ARG A 498 -1.13 6.46 -30.75
CA ARG A 498 -0.92 6.11 -32.16
C ARG A 498 0.55 5.81 -32.42
N LEU A 499 1.18 5.17 -31.45
CA LEU A 499 2.58 4.80 -31.55
C LEU A 499 2.80 3.79 -32.68
N THR A 500 4.03 3.73 -33.18
CA THR A 500 4.37 2.81 -34.26
C THR A 500 5.66 2.06 -33.99
N GLY A 501 6.10 1.32 -35.00
CA GLY A 501 7.33 0.56 -34.90
C GLY A 501 7.17 -0.68 -34.06
N GLU A 502 8.32 -1.27 -33.71
CA GLU A 502 8.33 -2.55 -33.02
C GLU A 502 8.59 -2.42 -31.54
N ILE A 503 8.36 -3.49 -30.80
CA ILE A 503 8.84 -3.60 -29.44
C ILE A 503 10.35 -3.85 -29.49
N PRO A 504 11.14 -2.94 -28.92
CA PRO A 504 12.60 -3.09 -28.92
C PRO A 504 13.03 -4.30 -28.10
N LYS A 505 14.10 -4.97 -28.56
CA LYS A 505 14.63 -6.14 -27.87
C LYS A 505 15.30 -5.74 -26.56
N TRP A 506 15.68 -4.46 -26.44
CA TRP A 506 16.29 -4.01 -25.20
C TRP A 506 15.34 -4.10 -24.02
N ILE A 507 14.10 -4.51 -24.26
CA ILE A 507 13.13 -4.55 -23.18
C ILE A 507 13.45 -5.68 -22.21
N GLY A 508 14.12 -6.72 -22.71
CA GLY A 508 14.58 -7.80 -21.86
C GLY A 508 15.54 -7.32 -20.80
N ARG A 509 16.06 -6.11 -20.99
CA ARG A 509 17.04 -5.51 -20.06
C ARG A 509 16.39 -5.03 -18.78
N LEU A 510 15.11 -4.68 -18.84
CA LEU A 510 14.41 -4.12 -17.68
C LEU A 510 13.91 -5.24 -16.76
N GLU A 511 14.73 -5.58 -15.77
CA GLU A 511 14.45 -6.73 -14.92
C GLU A 511 13.54 -6.36 -13.76
N ASN A 512 13.04 -5.12 -13.78
CA ASN A 512 12.17 -4.66 -12.73
C ASN A 512 10.72 -4.50 -13.22
N LEU A 513 10.54 -4.64 -14.53
CA LEU A 513 9.29 -4.34 -15.23
C LEU A 513 8.22 -5.39 -14.99
N ALA A 514 7.16 -5.00 -14.30
CA ALA A 514 6.12 -5.93 -13.92
C ALA A 514 4.92 -5.84 -14.87
N ILE A 515 4.67 -4.64 -15.39
CA ILE A 515 3.49 -4.40 -16.20
C ILE A 515 3.84 -3.66 -17.49
N LEU A 516 3.48 -4.25 -18.62
CA LEU A 516 3.66 -3.62 -19.92
C LEU A 516 2.34 -3.64 -20.66
N LYS A 517 1.79 -2.46 -20.92
CA LYS A 517 0.52 -2.35 -21.60
C LYS A 517 0.66 -1.46 -22.85
N LEU A 518 0.49 -2.05 -24.03
CA LEU A 518 0.67 -1.32 -25.29
C LEU A 518 -0.52 -1.45 -26.24
N SER A 519 -1.69 -1.75 -25.70
CA SER A 519 -2.85 -2.03 -26.54
C SER A 519 -3.31 -0.81 -27.37
N ASN A 520 -4.08 -1.10 -28.43
CA ASN A 520 -4.67 -0.09 -29.31
C ASN A 520 -3.70 0.98 -29.76
N ASN A 521 -2.68 0.54 -30.49
CA ASN A 521 -1.77 1.42 -31.19
C ASN A 521 -1.55 0.79 -32.56
N SER A 522 -0.38 1.04 -33.12
CA SER A 522 -0.02 0.48 -34.42
C SER A 522 1.35 -0.18 -34.37
N PHE A 523 1.70 -0.77 -33.23
CA PHE A 523 2.97 -1.46 -33.11
C PHE A 523 3.01 -2.66 -34.05
N SER A 524 4.21 -3.07 -34.46
CA SER A 524 4.30 -4.07 -35.52
C SER A 524 5.50 -5.02 -35.40
N GLY A 525 5.61 -5.91 -36.38
CA GLY A 525 6.63 -6.94 -36.39
C GLY A 525 6.36 -8.06 -35.41
N ASN A 526 7.40 -8.83 -35.12
CA ASN A 526 7.34 -9.97 -34.23
C ASN A 526 7.35 -9.60 -32.75
N ILE A 527 6.76 -10.46 -31.92
CA ILE A 527 6.90 -10.39 -30.47
C ILE A 527 8.33 -10.78 -30.13
N PRO A 528 9.07 -9.88 -29.46
CA PRO A 528 10.47 -10.14 -29.14
C PRO A 528 10.65 -11.23 -28.09
N ALA A 529 11.29 -12.34 -28.46
CA ALA A 529 11.67 -13.38 -27.50
C ALA A 529 12.29 -12.78 -26.24
N GLU A 530 12.85 -11.58 -26.38
CA GLU A 530 13.53 -10.92 -25.27
C GLU A 530 12.63 -10.60 -24.08
N LEU A 531 11.31 -10.52 -24.33
CA LEU A 531 10.36 -10.38 -23.23
C LEU A 531 10.53 -11.48 -22.21
N GLY A 532 10.94 -12.66 -22.68
CA GLY A 532 11.24 -13.78 -21.81
C GLY A 532 12.35 -13.47 -20.81
N ASP A 533 13.11 -12.42 -21.07
CA ASP A 533 14.20 -12.05 -20.17
C ASP A 533 13.73 -11.20 -19.00
N CYS A 534 12.56 -10.60 -19.11
CA CYS A 534 12.02 -9.76 -18.01
C CYS A 534 11.61 -10.66 -16.85
N ARG A 535 12.30 -10.55 -15.72
CA ARG A 535 12.07 -11.48 -14.61
C ARG A 535 11.03 -11.00 -13.59
N SER A 536 10.36 -9.89 -13.87
CA SER A 536 9.34 -9.35 -12.98
C SER A 536 7.99 -9.30 -13.67
N LEU A 537 7.96 -9.71 -14.94
CA LEU A 537 6.80 -9.50 -15.81
C LEU A 537 5.61 -10.40 -15.48
N ILE A 538 4.49 -9.78 -15.15
CA ILE A 538 3.29 -10.51 -14.79
C ILE A 538 2.03 -10.05 -15.55
N TRP A 539 2.14 -8.92 -16.24
CA TRP A 539 0.98 -8.36 -16.92
C TRP A 539 1.37 -7.84 -18.30
N LEU A 540 1.07 -8.63 -19.33
CA LEU A 540 1.45 -8.29 -20.69
C LEU A 540 0.23 -8.07 -21.57
N ASP A 541 -0.01 -6.82 -21.96
CA ASP A 541 -1.18 -6.49 -22.78
C ASP A 541 -0.79 -5.87 -24.12
N LEU A 542 -0.94 -6.62 -25.21
CA LEU A 542 -0.60 -6.12 -26.54
C LEU A 542 -1.79 -6.06 -27.50
N ASN A 543 -3.00 -6.22 -26.99
CA ASN A 543 -4.17 -6.33 -27.86
C ASN A 543 -4.36 -5.14 -28.82
N THR A 544 -4.87 -5.42 -30.01
CA THR A 544 -5.20 -4.38 -30.98
C THR A 544 -3.97 -3.61 -31.47
N ASN A 545 -3.13 -4.32 -32.22
CA ASN A 545 -1.95 -3.76 -32.86
C ASN A 545 -1.74 -4.46 -34.19
N LEU A 546 -0.51 -4.49 -34.68
CA LEU A 546 -0.22 -5.14 -35.96
C LEU A 546 0.89 -6.17 -35.83
N PHE A 547 1.09 -6.66 -34.62
CA PHE A 547 2.10 -7.69 -34.38
C PHE A 547 1.90 -8.92 -35.28
N ASN A 548 3.00 -9.60 -35.59
CA ASN A 548 2.94 -10.77 -36.45
C ASN A 548 4.08 -11.74 -36.17
N GLY A 549 4.26 -12.71 -37.06
CA GLY A 549 5.18 -13.79 -36.80
C GLY A 549 4.52 -14.79 -35.86
N THR A 550 5.34 -15.64 -35.25
CA THR A 550 4.82 -16.64 -34.33
C THR A 550 5.15 -16.26 -32.90
N ILE A 551 4.37 -16.80 -31.95
CA ILE A 551 4.62 -16.59 -30.54
C ILE A 551 5.87 -17.34 -30.11
N PRO A 552 6.88 -16.60 -29.64
CA PRO A 552 8.14 -17.24 -29.22
C PRO A 552 8.02 -17.99 -27.90
N ALA A 553 8.26 -19.29 -27.94
CA ALA A 553 8.35 -20.12 -26.74
C ALA A 553 9.21 -19.49 -25.65
N ALA A 554 10.21 -18.73 -26.07
CA ALA A 554 11.19 -18.16 -25.16
C ALA A 554 10.57 -17.15 -24.19
N MET A 555 9.50 -16.50 -24.62
CA MET A 555 8.87 -15.45 -23.80
C MET A 555 8.32 -15.98 -22.48
N PHE A 556 8.28 -17.30 -22.33
CA PHE A 556 7.78 -17.91 -21.10
C PHE A 556 8.87 -18.49 -20.22
N LYS A 557 10.12 -18.22 -20.54
CA LYS A 557 11.25 -18.84 -19.85
C LYS A 557 11.30 -18.49 -18.35
N GLN A 558 10.66 -17.39 -17.98
CA GLN A 558 10.71 -16.94 -16.59
C GLN A 558 9.72 -17.65 -15.68
N SER A 559 8.80 -18.40 -16.29
CA SER A 559 7.73 -19.04 -15.51
C SER A 559 8.29 -19.88 -14.36
N GLY A 560 7.81 -19.61 -13.15
CA GLY A 560 8.26 -20.30 -11.96
C GLY A 560 9.42 -19.62 -11.24
N LYS A 561 10.00 -18.60 -11.88
CA LYS A 561 11.18 -17.94 -11.33
C LYS A 561 10.90 -16.48 -10.94
N ILE A 562 9.63 -16.10 -11.02
CA ILE A 562 9.27 -14.70 -10.83
C ILE A 562 8.98 -14.36 -9.38
N ALA A 563 9.55 -13.25 -8.92
CA ALA A 563 9.19 -12.68 -7.62
C ALA A 563 8.62 -11.28 -7.82
N ALA A 564 7.35 -11.08 -7.47
CA ALA A 564 6.67 -9.82 -7.74
C ALA A 564 5.96 -9.25 -6.52
N PHE A 566 8.23 -4.88 -6.08
CA PHE A 566 8.19 -3.43 -5.91
C PHE A 566 7.01 -2.79 -6.67
N ILE A 567 6.01 -3.60 -7.00
CA ILE A 567 4.90 -3.13 -7.83
C ILE A 567 3.58 -2.93 -7.05
N ALA A 568 3.51 -3.49 -5.85
CA ALA A 568 2.26 -3.52 -5.06
C ALA A 568 2.00 -2.26 -4.24
N GLY A 569 0.72 -1.97 -4.02
CA GLY A 569 0.31 -0.85 -3.20
C GLY A 569 -0.11 0.38 -3.98
N LYS A 570 -0.10 0.27 -5.30
CA LYS A 570 -0.51 1.37 -6.18
C LYS A 570 -1.98 1.24 -6.55
N ARG A 571 -2.73 2.33 -6.42
CA ARG A 571 -4.15 2.28 -6.77
C ARG A 571 -4.34 2.06 -8.27
N TYR A 572 -5.19 1.10 -8.61
CA TYR A 572 -5.43 0.75 -9.99
C TYR A 572 -6.93 0.64 -10.23
N VAL A 573 -7.31 0.53 -11.49
CA VAL A 573 -8.69 0.30 -11.84
C VAL A 573 -8.66 -0.68 -13.03
N TYR A 574 -9.52 -1.70 -12.97
CA TYR A 574 -9.57 -2.72 -14.02
C TYR A 574 -10.95 -2.79 -14.64
N ILE A 575 -11.05 -2.36 -15.90
CA ILE A 575 -12.35 -2.27 -16.57
C ILE A 575 -12.55 -3.45 -17.49
N LYS A 576 -13.35 -4.41 -17.03
CA LYS A 576 -13.57 -5.66 -17.73
C LYS A 576 -14.40 -5.48 -18.99
N ASN A 577 -13.95 -6.07 -20.10
CA ASN A 577 -14.66 -6.02 -21.36
C ASN A 577 -15.82 -7.02 -21.38
N ASP A 578 -17.00 -6.54 -21.79
CA ASP A 578 -18.13 -7.43 -22.05
C ASP A 578 -18.17 -7.72 -23.55
N GLY A 579 -18.32 -9.00 -23.90
CA GLY A 579 -18.28 -9.42 -25.29
C GLY A 579 -19.44 -8.88 -26.10
N MET A 580 -20.16 -7.92 -25.54
CA MET A 580 -21.35 -7.35 -26.17
C MET A 580 -21.02 -6.49 -27.40
N LYS A 581 -20.00 -5.64 -27.30
CA LYS A 581 -19.64 -4.78 -28.42
C LYS A 581 -18.38 -5.28 -29.13
N LYS A 582 -18.45 -5.34 -30.46
CA LYS A 582 -17.37 -5.87 -31.29
C LYS A 582 -16.22 -4.87 -31.49
N GLU A 583 -16.49 -3.60 -31.25
CA GLU A 583 -15.46 -2.57 -31.35
C GLU A 583 -14.59 -2.57 -30.09
N CYS A 584 -15.14 -3.12 -29.01
CA CYS A 584 -14.39 -3.23 -27.76
C CYS A 584 -13.48 -4.45 -27.78
N HIS A 585 -12.21 -4.26 -27.45
CA HIS A 585 -11.20 -5.31 -27.61
C HIS A 585 -10.44 -5.64 -26.33
N GLY A 586 -9.96 -6.88 -26.23
CA GLY A 586 -9.18 -7.31 -25.10
C GLY A 586 -10.01 -7.71 -23.89
N ALA A 587 -9.39 -8.45 -22.97
CA ALA A 587 -10.04 -8.83 -21.72
C ALA A 587 -10.44 -7.61 -20.89
N GLY A 588 -9.49 -6.71 -20.62
CA GLY A 588 -9.80 -5.49 -19.87
C GLY A 588 -8.62 -4.57 -19.62
N ASN A 589 -8.90 -3.27 -19.54
CA ASN A 589 -7.86 -2.27 -19.31
C ASN A 589 -7.49 -2.14 -17.83
N LEU A 590 -6.30 -2.59 -17.45
CA LEU A 590 -5.77 -2.24 -16.13
C LEU A 590 -5.19 -0.82 -16.21
N LEU A 591 -5.63 0.05 -15.31
CA LEU A 591 -5.22 1.46 -15.39
C LEU A 591 -4.84 2.03 -14.02
N GLU A 592 -3.91 2.99 -14.02
CA GLU A 592 -3.53 3.67 -12.79
C GLU A 592 -4.69 4.56 -12.32
N PHE A 593 -4.99 4.54 -11.02
CA PHE A 593 -6.13 5.31 -10.55
C PHE A 593 -5.94 6.10 -9.25
N GLN A 594 -4.71 6.53 -8.98
CA GLN A 594 -4.45 7.39 -7.81
C GLN A 594 -5.06 8.80 -7.98
N GLY A 595 -5.72 9.28 -6.94
CA GLY A 595 -6.23 10.63 -6.90
C GLY A 595 -7.30 11.00 -7.90
N ILE A 596 -7.88 9.98 -8.55
CA ILE A 596 -8.95 10.17 -9.54
C ILE A 596 -10.28 9.61 -9.03
N ARG A 597 -11.36 10.39 -9.17
CA ARG A 597 -12.71 9.90 -8.88
C ARG A 597 -13.19 8.89 -9.91
N SER A 598 -13.82 7.81 -9.45
CA SER A 598 -14.36 6.81 -10.37
C SER A 598 -15.54 7.40 -11.14
N GLU A 599 -16.16 8.42 -10.56
CA GLU A 599 -17.28 9.10 -11.21
C GLU A 599 -16.84 9.75 -12.51
N GLN A 600 -15.54 10.01 -12.65
CA GLN A 600 -15.01 10.64 -13.86
C GLN A 600 -14.48 9.64 -14.89
N LEU A 601 -14.71 8.35 -14.66
CA LEU A 601 -14.37 7.36 -15.66
C LEU A 601 -15.17 7.59 -16.94
N ASN A 602 -16.32 8.24 -16.81
CA ASN A 602 -17.15 8.56 -17.96
C ASN A 602 -16.41 9.44 -18.98
N ARG A 603 -15.29 10.01 -18.56
CA ARG A 603 -14.47 10.83 -19.44
C ARG A 603 -13.87 9.99 -20.57
N LEU A 604 -13.78 8.69 -20.33
CA LEU A 604 -13.17 7.77 -21.29
C LEU A 604 -14.05 7.53 -22.50
N SER A 605 -15.35 7.70 -22.33
CA SER A 605 -16.30 7.26 -23.35
C SER A 605 -16.20 7.99 -24.69
N THR A 606 -15.45 9.09 -24.73
CA THR A 606 -15.21 9.77 -26.01
C THR A 606 -13.95 9.23 -26.68
N ARG A 607 -13.28 8.29 -26.01
CA ARG A 607 -11.97 7.80 -26.43
C ARG A 607 -11.93 6.27 -26.45
N ASN A 608 -13.04 5.66 -26.07
CA ASN A 608 -13.06 4.23 -25.79
C ASN A 608 -14.42 3.64 -26.18
N PRO A 609 -14.41 2.67 -27.10
CA PRO A 609 -15.65 2.11 -27.65
C PRO A 609 -16.34 1.17 -26.67
N CYS A 610 -15.77 1.02 -25.48
CA CYS A 610 -16.27 0.09 -24.47
C CYS A 610 -17.35 0.69 -23.56
N ASN A 611 -18.51 0.04 -23.49
CA ASN A 611 -19.63 0.51 -22.67
C ASN A 611 -19.22 0.69 -21.21
N SER A 614 -18.42 -1.25 -18.33
CA SER A 614 -19.25 -0.95 -17.17
C SER A 614 -18.91 -1.88 -15.98
N ARG A 615 -18.05 -2.86 -16.23
CA ARG A 615 -17.61 -3.77 -15.18
C ARG A 615 -16.29 -3.28 -14.58
N VAL A 616 -16.36 -2.64 -13.42
CA VAL A 616 -15.19 -2.02 -12.81
C VAL A 616 -14.69 -2.74 -11.54
N TYR A 617 -13.41 -3.11 -11.53
CA TYR A 617 -12.78 -3.71 -10.36
C TYR A 617 -11.70 -2.78 -9.79
N GLY A 618 -11.97 -2.23 -8.62
CA GLY A 618 -11.00 -1.38 -7.94
C GLY A 618 -10.08 -2.16 -7.02
N GLY A 619 -9.04 -1.49 -6.53
CA GLY A 619 -8.12 -2.09 -5.60
C GLY A 619 -6.77 -1.41 -5.60
N HIS A 620 -5.84 -1.94 -4.81
CA HIS A 620 -4.45 -1.52 -4.86
C HIS A 620 -3.63 -2.72 -5.31
N THR A 621 -2.76 -2.52 -6.29
CA THR A 621 -2.02 -3.64 -6.87
C THR A 621 -1.43 -4.53 -5.78
N SER A 622 -1.45 -5.83 -6.03
CA SER A 622 -1.10 -6.82 -5.03
C SER A 622 -1.02 -8.18 -5.67
N PRO A 623 0.18 -8.56 -6.16
CA PRO A 623 0.34 -9.90 -6.74
C PRO A 623 -0.13 -10.96 -5.74
N THR A 624 -0.16 -12.23 -6.14
CA THR A 624 -0.64 -13.27 -5.24
C THR A 624 0.48 -14.12 -4.60
N PHE A 625 1.56 -14.35 -5.35
CA PHE A 625 2.75 -14.99 -4.78
C PHE A 625 3.70 -13.93 -4.22
N ASP A 626 4.90 -14.35 -3.87
CA ASP A 626 5.96 -13.40 -3.53
C ASP A 626 7.23 -13.86 -4.22
N ASN A 627 7.37 -15.18 -4.34
CA ASN A 627 8.51 -15.78 -5.00
C ASN A 627 8.06 -16.86 -5.96
N ASN A 628 8.78 -16.99 -7.07
CA ASN A 628 8.64 -18.15 -7.96
C ASN A 628 7.25 -18.28 -8.56
N GLY A 629 6.73 -17.15 -9.04
CA GLY A 629 5.46 -17.10 -9.72
C GLY A 629 5.67 -16.98 -11.21
N SER A 630 4.64 -16.52 -11.92
CA SER A 630 4.68 -16.45 -13.38
C SER A 630 3.76 -15.37 -13.88
N MET A 631 3.72 -15.23 -15.20
CA MET A 631 2.76 -14.36 -15.85
C MET A 631 1.38 -14.52 -15.21
N MET A 632 0.72 -13.40 -14.94
CA MET A 632 -0.64 -13.44 -14.42
C MET A 632 -1.65 -13.03 -15.49
N PHE A 633 -1.19 -12.29 -16.48
CA PHE A 633 -2.10 -11.73 -17.48
C PHE A 633 -1.42 -11.71 -18.84
N LEU A 634 -2.06 -12.29 -19.84
CA LEU A 634 -1.49 -12.29 -21.19
C LEU A 634 -2.56 -12.06 -22.26
N ASP A 635 -2.65 -10.84 -22.75
CA ASP A 635 -3.59 -10.51 -23.82
C ASP A 635 -2.84 -10.08 -25.07
N MET A 636 -2.86 -10.91 -26.11
CA MET A 636 -2.27 -10.55 -27.41
C MET A 636 -3.28 -10.56 -28.54
N SER A 637 -4.56 -10.42 -28.19
CA SER A 637 -5.67 -10.52 -29.12
C SER A 637 -5.67 -9.40 -30.17
N TYR A 638 -6.40 -9.62 -31.25
CA TYR A 638 -6.52 -8.61 -32.31
C TYR A 638 -5.17 -8.17 -32.81
N ASN A 639 -4.40 -9.15 -33.28
CA ASN A 639 -3.18 -8.89 -34.02
C ASN A 639 -3.14 -9.79 -35.26
N MET A 640 -1.95 -10.04 -35.81
CA MET A 640 -1.81 -10.93 -36.96
C MET A 640 -0.82 -12.07 -36.70
N LEU A 641 -0.78 -12.53 -35.46
CA LEU A 641 0.05 -13.68 -35.06
C LEU A 641 -0.31 -14.96 -35.80
N SER A 642 0.70 -15.79 -36.06
CA SER A 642 0.53 -17.01 -36.83
C SER A 642 1.32 -18.17 -36.22
N GLY A 643 1.35 -19.29 -36.95
CA GLY A 643 1.96 -20.52 -36.45
C GLY A 643 1.18 -21.06 -35.27
N TYR A 644 1.80 -21.96 -34.50
CA TYR A 644 1.11 -22.66 -33.44
C TYR A 644 1.47 -22.10 -32.07
N ILE A 645 0.65 -22.43 -31.06
CA ILE A 645 0.91 -22.07 -29.67
C ILE A 645 1.97 -22.98 -29.07
N PRO A 646 3.08 -22.41 -28.60
CA PRO A 646 4.11 -23.21 -27.93
C PRO A 646 3.55 -23.90 -26.68
N LYS A 647 4.06 -25.08 -26.37
CA LYS A 647 3.55 -25.86 -25.25
C LYS A 647 3.99 -25.24 -23.92
N GLU A 648 4.94 -24.33 -23.98
CA GLU A 648 5.38 -23.59 -22.79
C GLU A 648 4.31 -22.61 -22.31
N ILE A 649 3.29 -22.40 -23.14
CA ILE A 649 2.13 -21.63 -22.75
C ILE A 649 1.53 -22.22 -21.47
N GLY A 650 1.71 -23.52 -21.29
CA GLY A 650 1.08 -24.21 -20.16
C GLY A 650 1.90 -24.13 -18.88
N SER A 651 3.00 -23.38 -18.93
CA SER A 651 3.96 -23.36 -17.82
C SER A 651 3.73 -22.22 -16.84
N MET A 652 2.53 -21.65 -16.81
CA MET A 652 2.26 -20.47 -16.00
C MET A 652 1.10 -20.67 -15.03
N PRO A 653 1.38 -21.25 -13.86
CA PRO A 653 0.32 -21.62 -12.91
C PRO A 653 -0.44 -20.43 -12.30
N TYR A 654 0.13 -19.23 -12.36
CA TYR A 654 -0.57 -18.06 -11.81
C TYR A 654 -1.39 -17.27 -12.85
N LEU A 655 -1.32 -17.70 -14.11
CA LEU A 655 -2.03 -17.07 -15.20
C LEU A 655 -3.55 -17.12 -15.00
N PHE A 656 -4.15 -15.96 -14.77
CA PHE A 656 -5.57 -15.83 -14.52
C PHE A 656 -6.30 -15.69 -15.85
N ILE A 657 -5.62 -15.05 -16.82
CA ILE A 657 -6.27 -14.66 -18.06
C ILE A 657 -5.39 -14.90 -19.29
N LEU A 658 -5.96 -15.56 -20.29
CA LEU A 658 -5.24 -15.82 -21.53
C LEU A 658 -6.08 -15.46 -22.76
N ASN A 659 -5.72 -14.36 -23.42
CA ASN A 659 -6.45 -13.92 -24.60
C ASN A 659 -5.56 -13.90 -25.85
N LEU A 660 -5.75 -14.88 -26.74
CA LEU A 660 -5.06 -14.91 -28.03
C LEU A 660 -6.06 -14.81 -29.17
N GLY A 661 -7.24 -14.28 -28.89
CA GLY A 661 -8.32 -14.20 -29.85
C GLY A 661 -8.04 -13.29 -31.03
N HIS A 662 -8.71 -13.57 -32.14
CA HIS A 662 -8.61 -12.71 -33.31
C HIS A 662 -7.18 -12.53 -33.80
N ASN A 663 -6.55 -13.66 -34.10
CA ASN A 663 -5.29 -13.69 -34.84
C ASN A 663 -5.40 -14.64 -36.03
N ASP A 664 -4.28 -15.25 -36.37
CA ASP A 664 -4.24 -16.25 -37.42
C ASP A 664 -3.47 -17.45 -36.91
N ILE A 665 -3.64 -17.73 -35.62
CA ILE A 665 -2.95 -18.83 -34.98
C ILE A 665 -3.52 -20.15 -35.46
N SER A 666 -2.63 -21.08 -35.79
CA SER A 666 -3.03 -22.38 -36.34
C SER A 666 -2.45 -23.54 -35.54
N GLY A 667 -2.52 -24.74 -36.11
CA GLY A 667 -2.17 -25.94 -35.38
C GLY A 667 -3.23 -26.28 -34.33
N SER A 668 -2.87 -27.13 -33.38
CA SER A 668 -3.82 -27.59 -32.38
C SER A 668 -3.55 -26.98 -31.01
N ILE A 669 -4.57 -26.99 -30.15
CA ILE A 669 -4.42 -26.49 -28.79
C ILE A 669 -3.56 -27.46 -28.01
N PRO A 670 -2.41 -26.98 -27.51
CA PRO A 670 -1.53 -27.84 -26.70
C PRO A 670 -2.20 -28.36 -25.44
N ASP A 671 -1.95 -29.63 -25.13
CA ASP A 671 -2.55 -30.28 -23.99
C ASP A 671 -2.08 -29.63 -22.69
N GLU A 672 -1.01 -28.84 -22.78
CA GLU A 672 -0.43 -28.21 -21.61
C GLU A 672 -1.30 -27.08 -21.05
N VAL A 673 -2.22 -26.57 -21.87
CA VAL A 673 -3.21 -25.61 -21.40
C VAL A 673 -3.94 -26.17 -20.19
N GLY A 674 -4.07 -27.49 -20.12
CA GLY A 674 -4.67 -28.14 -18.97
C GLY A 674 -3.90 -27.96 -17.67
N ASP A 675 -2.67 -27.47 -17.78
CA ASP A 675 -1.83 -27.23 -16.61
C ASP A 675 -2.05 -25.83 -16.03
N LEU A 676 -2.76 -24.98 -16.75
CA LEU A 676 -3.00 -23.61 -16.32
C LEU A 676 -4.08 -23.58 -15.25
N ARG A 677 -3.73 -24.04 -14.06
CA ARG A 677 -4.72 -24.35 -13.04
C ARG A 677 -5.36 -23.11 -12.44
N GLY A 678 -4.78 -21.95 -12.68
CA GLY A 678 -5.33 -20.72 -12.15
C GLY A 678 -6.20 -19.98 -13.13
N LEU A 679 -6.29 -20.49 -14.36
CA LEU A 679 -6.95 -19.82 -15.47
C LEU A 679 -8.43 -19.51 -15.22
N ASN A 680 -8.81 -18.24 -15.34
CA ASN A 680 -10.20 -17.85 -15.22
C ASN A 680 -10.81 -17.62 -16.59
N ILE A 681 -10.02 -17.03 -17.48
CA ILE A 681 -10.48 -16.71 -18.82
C ILE A 681 -9.55 -17.30 -19.86
N LEU A 682 -10.14 -17.83 -20.92
CA LEU A 682 -9.41 -18.41 -22.02
C LEU A 682 -10.12 -18.04 -23.31
N ASP A 683 -9.56 -17.10 -24.05
CA ASP A 683 -10.08 -16.71 -25.38
C ASP A 683 -9.09 -17.13 -26.47
N LEU A 684 -9.54 -18.00 -27.35
CA LEU A 684 -8.74 -18.38 -28.51
C LEU A 684 -9.61 -18.26 -29.75
N SER A 685 -10.68 -17.48 -29.65
CA SER A 685 -11.66 -17.37 -30.72
C SER A 685 -11.10 -16.69 -31.98
N SER A 686 -11.74 -16.93 -33.12
CA SER A 686 -11.38 -16.28 -34.38
C SER A 686 -9.90 -16.49 -34.69
N ASN A 687 -9.52 -17.76 -34.84
CA ASN A 687 -8.22 -18.12 -35.32
C ASN A 687 -8.34 -19.19 -36.38
N LYS A 688 -7.33 -20.03 -36.51
CA LYS A 688 -7.34 -21.13 -37.47
C LYS A 688 -6.89 -22.44 -36.81
N LEU A 689 -7.16 -22.51 -35.51
CA LEU A 689 -6.85 -23.69 -34.71
C LEU A 689 -7.65 -24.89 -35.20
N ASP A 690 -7.02 -26.06 -35.25
CA ASP A 690 -7.72 -27.28 -35.61
C ASP A 690 -7.36 -28.45 -34.70
N GLY A 691 -7.87 -29.63 -35.03
CA GLY A 691 -7.71 -30.79 -34.17
C GLY A 691 -8.72 -30.83 -33.04
N ARG A 692 -8.39 -31.55 -31.98
CA ARG A 692 -9.34 -31.77 -30.89
C ARG A 692 -9.03 -30.87 -29.69
N ILE A 693 -10.09 -30.52 -28.95
CA ILE A 693 -9.91 -29.90 -27.66
C ILE A 693 -9.34 -30.99 -26.74
N PRO A 694 -8.11 -30.79 -26.24
CA PRO A 694 -7.47 -31.78 -25.35
C PRO A 694 -8.28 -32.10 -24.08
N GLN A 695 -8.57 -33.39 -23.86
CA GLN A 695 -9.29 -33.82 -22.67
C GLN A 695 -8.60 -33.30 -21.41
N ALA A 696 -7.29 -33.08 -21.51
CA ALA A 696 -6.51 -32.53 -20.41
C ALA A 696 -7.15 -31.26 -19.85
N MET A 697 -7.78 -30.46 -20.72
CA MET A 697 -8.46 -29.23 -20.28
C MET A 697 -9.65 -29.48 -19.33
N SER A 698 -10.07 -30.73 -19.21
CA SER A 698 -11.13 -31.07 -18.28
C SER A 698 -10.67 -30.85 -16.85
N ALA A 699 -9.36 -30.70 -16.67
CA ALA A 699 -8.80 -30.60 -15.32
C ALA A 699 -8.92 -29.19 -14.74
N LEU A 700 -8.97 -28.18 -15.62
CA LEU A 700 -9.17 -26.80 -15.19
C LEU A 700 -10.45 -26.66 -14.38
N THR A 701 -10.38 -25.94 -13.26
CA THR A 701 -11.54 -25.81 -12.38
C THR A 701 -11.95 -24.37 -12.10
N MET A 702 -11.18 -23.41 -12.59
CA MET A 702 -11.40 -22.00 -12.28
CA MET A 702 -11.41 -22.00 -12.27
C MET A 702 -11.91 -21.19 -13.45
N LEU A 703 -12.14 -21.86 -14.59
CA LEU A 703 -12.69 -21.15 -15.75
C LEU A 703 -14.03 -20.46 -15.45
N THR A 704 -14.08 -19.17 -15.71
CA THR A 704 -15.33 -18.41 -15.68
C THR A 704 -15.77 -18.03 -17.10
N GLU A 705 -14.84 -18.01 -18.03
CA GLU A 705 -15.16 -17.70 -19.41
C GLU A 705 -14.19 -18.39 -20.37
N ILE A 706 -14.74 -19.00 -21.40
CA ILE A 706 -13.94 -19.62 -22.44
C ILE A 706 -14.55 -19.18 -23.77
N ASP A 707 -13.71 -19.02 -24.79
CA ASP A 707 -14.20 -18.82 -26.15
C ASP A 707 -13.28 -19.55 -27.14
N LEU A 708 -13.84 -20.52 -27.84
CA LEU A 708 -13.10 -21.28 -28.84
C LEU A 708 -13.80 -21.19 -30.19
N SER A 709 -14.72 -20.24 -30.31
CA SER A 709 -15.51 -20.07 -31.51
C SER A 709 -14.69 -19.56 -32.70
N ASN A 710 -15.24 -19.73 -33.90
CA ASN A 710 -14.56 -19.34 -35.13
C ASN A 710 -13.14 -19.90 -35.25
N ASN A 711 -13.05 -21.23 -35.23
CA ASN A 711 -11.79 -21.89 -35.56
C ASN A 711 -12.08 -23.04 -36.48
N ASN A 712 -11.15 -23.97 -36.60
CA ASN A 712 -11.41 -25.19 -37.34
C ASN A 712 -11.32 -26.43 -36.43
N LEU A 713 -11.71 -26.25 -35.16
CA LEU A 713 -11.66 -27.34 -34.20
C LEU A 713 -12.63 -28.45 -34.60
N SER A 714 -12.34 -29.68 -34.16
CA SER A 714 -13.16 -30.81 -34.57
C SER A 714 -13.30 -31.87 -33.50
N GLY A 715 -14.26 -32.76 -33.69
CA GLY A 715 -14.49 -33.85 -32.75
C GLY A 715 -15.28 -33.38 -31.54
N PRO A 716 -15.28 -34.21 -30.49
CA PRO A 716 -16.17 -33.97 -29.34
C PRO A 716 -15.62 -32.98 -28.33
N ILE A 717 -16.50 -32.13 -27.83
CA ILE A 717 -16.18 -31.29 -26.71
C ILE A 717 -16.08 -32.18 -25.46
N PRO A 718 -14.99 -32.03 -24.68
CA PRO A 718 -14.80 -32.76 -23.42
C PRO A 718 -16.03 -32.69 -22.52
N GLU A 719 -16.49 -33.85 -22.05
CA GLU A 719 -17.70 -33.89 -21.25
C GLU A 719 -17.42 -33.61 -19.76
N MET A 720 -16.21 -33.91 -19.31
CA MET A 720 -15.85 -33.63 -17.91
C MET A 720 -15.32 -32.20 -17.78
N GLY A 721 -15.03 -31.79 -16.55
CA GLY A 721 -14.62 -30.42 -16.33
C GLY A 721 -15.74 -29.43 -16.55
N GLN A 722 -15.41 -28.26 -17.08
CA GLN A 722 -16.35 -27.15 -17.08
C GLN A 722 -17.02 -26.88 -18.41
N PHE A 723 -16.68 -27.61 -19.46
CA PHE A 723 -17.22 -27.33 -20.78
C PHE A 723 -18.75 -27.37 -20.88
N GLU A 724 -19.40 -28.29 -20.16
CA GLU A 724 -20.85 -28.42 -20.20
C GLU A 724 -21.51 -27.15 -19.66
N THR A 725 -20.69 -26.33 -19.01
CA THR A 725 -21.12 -25.16 -18.29
C THR A 725 -21.25 -23.92 -19.19
N PHE A 726 -20.61 -23.97 -20.35
CA PHE A 726 -20.61 -22.82 -21.24
C PHE A 726 -21.62 -22.99 -22.36
N PRO A 727 -22.14 -21.87 -22.87
CA PRO A 727 -23.19 -21.93 -23.90
C PRO A 727 -22.60 -22.20 -25.28
N PRO A 728 -23.44 -22.65 -26.21
CA PRO A 728 -23.05 -23.04 -27.56
C PRO A 728 -22.22 -21.96 -28.23
N ALA A 729 -22.60 -20.71 -27.99
CA ALA A 729 -21.96 -19.58 -28.66
C ALA A 729 -20.45 -19.64 -28.54
N LYS A 730 -19.96 -20.21 -27.45
CA LYS A 730 -18.52 -20.27 -27.19
C LYS A 730 -17.81 -21.29 -28.07
N PHE A 731 -18.57 -22.03 -28.88
CA PHE A 731 -18.01 -23.08 -29.72
C PHE A 731 -18.50 -23.00 -31.15
N LEU A 732 -19.27 -21.97 -31.47
CA LEU A 732 -19.82 -21.81 -32.81
C LEU A 732 -18.73 -21.70 -33.85
N ASN A 733 -19.11 -22.00 -35.09
CA ASN A 733 -18.19 -21.91 -36.22
C ASN A 733 -16.94 -22.76 -36.05
N ASN A 734 -17.15 -23.99 -35.57
CA ASN A 734 -16.19 -25.08 -35.67
C ASN A 734 -16.90 -26.29 -36.27
N PRO A 735 -16.99 -26.34 -37.61
CA PRO A 735 -17.70 -27.35 -38.40
C PRO A 735 -17.57 -28.80 -37.91
N GLY A 736 -16.36 -29.27 -37.68
CA GLY A 736 -16.16 -30.64 -37.23
C GLY A 736 -16.44 -30.89 -35.75
N LEU A 737 -16.88 -29.85 -35.06
CA LEU A 737 -17.04 -29.92 -33.60
C LEU A 737 -18.46 -30.35 -33.22
N CYS A 738 -18.57 -31.25 -32.25
CA CYS A 738 -19.88 -31.73 -31.80
C CYS A 738 -19.86 -32.07 -30.31
N GLY A 739 -21.00 -32.51 -29.79
CA GLY A 739 -21.12 -32.83 -28.38
C GLY A 739 -21.54 -31.61 -27.58
N TYR A 740 -22.42 -31.83 -26.60
CA TYR A 740 -22.97 -30.77 -25.75
C TYR A 740 -21.87 -29.83 -25.25
N PRO A 741 -22.14 -28.50 -25.25
CA PRO A 741 -23.41 -27.83 -25.54
C PRO A 741 -23.83 -27.79 -27.01
N LEU A 742 -23.09 -28.46 -27.89
CA LEU A 742 -23.48 -28.53 -29.29
C LEU A 742 -24.29 -29.81 -29.51
N PRO A 743 -24.85 -29.96 -30.72
CA PRO A 743 -25.57 -31.18 -31.11
C PRO A 743 -24.73 -32.44 -30.88
N ARG A 744 -25.36 -33.52 -30.43
CA ARG A 744 -24.62 -34.77 -30.24
C ARG A 744 -23.81 -35.16 -31.48
N CYS A 745 -22.68 -35.82 -31.26
CA CYS A 745 -21.80 -36.25 -32.35
C CYS A 745 -22.42 -37.39 -33.19
N ASP A 746 -22.50 -37.19 -34.51
CA ASP A 746 -22.96 -38.22 -35.43
C ASP A 746 -22.39 -39.59 -35.05
#